data_4G2R
#
_entry.id   4G2R
#
_cell.length_a   117.780
_cell.length_b   126.240
_cell.length_c   161.700
_cell.angle_alpha   90.00
_cell.angle_beta   90.00
_cell.angle_gamma   90.00
#
_symmetry.space_group_name_H-M   'I 2 2 2'
#
loop_
_entity.id
_entity.type
_entity.pdbx_description
1 polymer 'AccD6, Carboxyltransferase beta-subunit of Acyl-CoA Carboxylase'
2 non-polymer '(2R)-2-(4-{[3-chloro-5-(trifluoromethyl)pyridin-2-yl]oxy}phenoxy)propanoic acid'
3 water water
#
_entity_poly.entity_id   1
_entity_poly.type   'polypeptide(L)'
_entity_poly.pdbx_seq_one_letter_code
;MTIMAPEAVGESLDPRDPLLRLSNFFDDGSVELLHERDRSGVLAAAGTVNGVRTIAFCTDGTVMGGAMGVEGCTHIVNAY
DTAIEDQSPIVGIWHSGGARLAEGVRALHAVGQVFEAMIRASGYIPQISVVVGFAAGGAAYGPALTDVVVMAPESRVFVT
GPDVVRSVTGEDVDMASLGGPETHHKKSGVCHIVADDELDAYDRGRRLVGLFCQQGHFDRSKAEAGDTDIHALLPESSRR
AYDVRPIVTAILDADTPFDEFQANWAPSMVVGLGRLSGRTVGVLANNPLRLGGCLNSESAEKAARFVRLCDAFGIPLVVV
VDVPGYLPGVDQEWGGVVRRGAKLLHAFGECTVPRVTLVTRKTYGGAYIAMNSRSLNATKVFAWPDAEVAVMGAKAAVGI
LHKKKLAAAPEHEREALHDQLAAEHERIAGGVDSALDIGVVDEKIDPAHTRSKLTEALAQAPARRGRHKNIPL
;
_entity_poly.pdbx_strand_id   A,B
#
loop_
_chem_comp.id
_chem_comp.type
_chem_comp.name
_chem_comp.formula
H1L non-polymer '(2R)-2-(4-{[3-chloro-5-(trifluoromethyl)pyridin-2-yl]oxy}phenoxy)propanoic acid' 'C15 H11 Cl F3 N O4'
#
# COMPACT_ATOMS: atom_id res chain seq x y z
N LEU A 13 12.32 -35.57 -9.99
CA LEU A 13 11.72 -36.83 -9.57
C LEU A 13 10.25 -36.88 -9.97
N ASP A 14 9.83 -38.06 -10.41
CA ASP A 14 8.45 -38.37 -10.82
C ASP A 14 7.30 -37.58 -10.12
N PRO A 15 7.30 -37.50 -8.76
CA PRO A 15 6.19 -36.75 -8.14
C PRO A 15 6.27 -35.24 -8.40
N ARG A 16 7.42 -34.75 -8.84
CA ARG A 16 7.60 -33.31 -9.09
C ARG A 16 7.45 -32.98 -10.58
N ASP A 17 7.10 -33.99 -11.36
CA ASP A 17 6.94 -33.84 -12.81
C ASP A 17 5.84 -32.84 -13.12
N PRO A 18 6.18 -31.80 -13.92
CA PRO A 18 5.29 -30.65 -14.17
C PRO A 18 3.98 -31.06 -14.84
N LEU A 19 4.06 -31.96 -15.83
CA LEU A 19 2.86 -32.42 -16.54
C LEU A 19 1.94 -33.16 -15.58
N LEU A 20 2.54 -33.96 -14.70
CA LEU A 20 1.79 -34.68 -13.69
C LEU A 20 1.05 -33.69 -12.78
N ARG A 21 1.79 -32.74 -12.23
CA ARG A 21 1.19 -31.73 -11.37
C ARG A 21 0.09 -30.95 -12.12
N LEU A 22 0.41 -30.49 -13.33
CA LEU A 22 -0.58 -29.82 -14.19
C LEU A 22 -1.82 -30.69 -14.43
N SER A 23 -1.60 -31.99 -14.67
CA SER A 23 -2.71 -32.90 -14.93
C SER A 23 -3.55 -33.09 -13.67
N ASN A 24 -2.92 -32.95 -12.51
CA ASN A 24 -3.65 -33.03 -11.25
C ASN A 24 -4.47 -31.78 -10.93
N PHE A 25 -4.03 -30.64 -11.47
CA PHE A 25 -4.76 -29.40 -11.28
C PHE A 25 -5.94 -29.28 -12.25
N PHE A 26 -5.71 -29.66 -13.51
CA PHE A 26 -6.71 -29.48 -14.56
C PHE A 26 -7.78 -30.55 -14.57
N ASP A 27 -8.91 -30.25 -15.22
CA ASP A 27 -9.93 -31.26 -15.51
C ASP A 27 -9.28 -32.37 -16.33
N ASP A 28 -9.63 -33.62 -16.05
CA ASP A 28 -9.07 -34.74 -16.81
C ASP A 28 -9.35 -34.62 -18.31
N GLY A 29 -8.28 -34.67 -19.10
CA GLY A 29 -8.37 -34.64 -20.56
C GLY A 29 -8.39 -33.24 -21.16
N SER A 30 -8.22 -32.22 -20.34
CA SER A 30 -8.32 -30.84 -20.86
C SER A 30 -6.95 -30.21 -21.18
N VAL A 31 -5.87 -30.90 -20.81
CA VAL A 31 -4.51 -30.34 -20.97
C VAL A 31 -4.08 -30.21 -22.44
N GLU A 32 -3.68 -29.00 -22.83
CA GLU A 32 -3.07 -28.76 -24.12
C GLU A 32 -1.83 -27.88 -23.90
N LEU A 33 -0.65 -28.45 -24.12
CA LEU A 33 0.59 -27.72 -23.90
C LEU A 33 0.69 -26.46 -24.79
N LEU A 34 1.25 -25.38 -24.24
CA LEU A 34 1.40 -24.13 -24.98
C LEU A 34 2.73 -24.09 -25.75
N HIS A 35 3.59 -25.07 -25.49
CA HIS A 35 4.90 -25.12 -26.12
C HIS A 35 5.42 -26.54 -26.04
N GLU A 36 6.47 -26.83 -26.81
CA GLU A 36 7.09 -28.14 -26.76
C GLU A 36 7.79 -28.32 -25.40
N ARG A 37 7.55 -29.48 -24.81
CA ARG A 37 8.18 -29.86 -23.54
C ARG A 37 9.71 -29.90 -23.67
N ASP A 38 10.40 -29.25 -22.75
CA ASP A 38 11.86 -29.18 -22.81
C ASP A 38 12.51 -29.32 -21.43
N ARG A 39 13.72 -28.79 -21.28
CA ARG A 39 14.38 -28.76 -19.98
C ARG A 39 14.60 -27.33 -19.49
N SER A 40 13.63 -26.46 -19.76
CA SER A 40 13.74 -25.05 -19.43
C SER A 40 13.44 -24.82 -17.95
N GLY A 41 12.79 -25.80 -17.33
CA GLY A 41 12.37 -25.65 -15.95
C GLY A 41 10.95 -25.13 -15.76
N VAL A 42 10.22 -24.87 -16.85
CA VAL A 42 8.77 -24.68 -16.72
C VAL A 42 7.96 -25.35 -17.85
N LEU A 43 6.71 -25.69 -17.53
CA LEU A 43 5.80 -26.23 -18.53
C LEU A 43 4.48 -25.47 -18.42
N ALA A 44 4.09 -24.81 -19.51
CA ALA A 44 2.81 -24.09 -19.53
C ALA A 44 1.78 -24.82 -20.37
N ALA A 45 0.53 -24.76 -19.93
CA ALA A 45 -0.55 -25.44 -20.62
C ALA A 45 -1.88 -24.75 -20.43
N ALA A 46 -2.76 -24.94 -21.40
CA ALA A 46 -4.16 -24.56 -21.26
C ALA A 46 -4.93 -25.79 -20.79
N GLY A 47 -6.05 -25.56 -20.10
CA GLY A 47 -6.95 -26.62 -19.68
C GLY A 47 -8.24 -26.01 -19.20
N THR A 48 -9.06 -26.81 -18.51
CA THR A 48 -10.27 -26.28 -17.90
C THR A 48 -10.34 -26.66 -16.43
N VAL A 49 -11.00 -25.82 -15.64
CA VAL A 49 -11.24 -26.10 -14.24
C VAL A 49 -12.74 -26.03 -14.04
N ASN A 50 -13.35 -27.21 -13.90
CA ASN A 50 -14.81 -27.30 -13.87
C ASN A 50 -15.42 -26.58 -15.07
N GLY A 51 -14.73 -26.70 -16.21
CA GLY A 51 -15.23 -26.16 -17.46
C GLY A 51 -14.73 -24.77 -17.81
N VAL A 52 -14.08 -24.08 -16.88
CA VAL A 52 -13.53 -22.75 -17.17
C VAL A 52 -12.17 -22.86 -17.87
N ARG A 53 -12.07 -22.27 -19.06
CA ARG A 53 -10.81 -22.19 -19.77
C ARG A 53 -9.75 -21.49 -18.89
N THR A 54 -8.67 -22.20 -18.61
CA THR A 54 -7.67 -21.71 -17.66
C THR A 54 -6.26 -21.94 -18.19
N ILE A 55 -5.40 -20.94 -18.02
CA ILE A 55 -3.98 -21.12 -18.35
C ILE A 55 -3.25 -21.46 -17.06
N ALA A 56 -2.25 -22.34 -17.13
CA ALA A 56 -1.45 -22.63 -15.94
C ALA A 56 0.00 -22.93 -16.30
N PHE A 57 0.90 -22.71 -15.36
CA PHE A 57 2.27 -23.14 -15.54
C PHE A 57 2.81 -23.75 -14.26
N CYS A 58 3.79 -24.62 -14.44
CA CYS A 58 4.39 -25.36 -13.35
C CYS A 58 5.92 -25.38 -13.49
N THR A 59 6.60 -24.91 -12.45
CA THR A 59 8.06 -25.01 -12.42
C THR A 59 8.44 -26.48 -12.35
N ASP A 60 9.62 -26.83 -12.86
CA ASP A 60 10.02 -28.22 -12.99
C ASP A 60 11.07 -28.57 -11.94
N GLY A 61 10.61 -29.08 -10.79
CA GLY A 61 11.52 -29.43 -9.70
C GLY A 61 12.48 -30.54 -10.08
N THR A 62 12.18 -31.24 -11.18
CA THR A 62 13.03 -32.35 -11.66
C THR A 62 14.24 -31.86 -12.46
N VAL A 63 14.32 -30.56 -12.68
CA VAL A 63 15.42 -29.97 -13.45
C VAL A 63 16.07 -28.83 -12.70
N MET A 64 17.31 -29.03 -12.26
CA MET A 64 18.04 -28.05 -11.45
C MET A 64 17.20 -27.48 -10.31
N GLY A 65 16.38 -28.33 -9.69
CA GLY A 65 15.48 -27.92 -8.61
C GLY A 65 14.48 -26.83 -8.98
N GLY A 66 14.03 -26.84 -10.24
CA GLY A 66 13.05 -25.87 -10.70
C GLY A 66 13.59 -24.47 -10.85
N ALA A 67 14.91 -24.34 -10.85
CA ALA A 67 15.57 -23.04 -10.97
C ALA A 67 15.10 -22.30 -12.23
N MET A 68 14.83 -21.01 -12.11
CA MET A 68 14.25 -20.23 -13.19
C MET A 68 15.31 -19.66 -14.13
N GLY A 69 15.25 -20.06 -15.40
CA GLY A 69 16.14 -19.51 -16.40
C GLY A 69 15.42 -18.69 -17.46
N VAL A 70 16.22 -18.19 -18.41
CA VAL A 70 15.71 -17.38 -19.51
C VAL A 70 14.58 -18.06 -20.29
N GLU A 71 14.85 -19.27 -20.80
CA GLU A 71 13.84 -20.00 -21.57
C GLU A 71 12.58 -20.32 -20.74
N GLY A 72 12.78 -20.73 -19.49
CA GLY A 72 11.66 -20.99 -18.61
C GLY A 72 10.83 -19.76 -18.35
N CYS A 73 11.49 -18.66 -18.01
CA CYS A 73 10.77 -17.40 -17.78
C CYS A 73 9.99 -16.93 -19.03
N THR A 74 10.58 -17.16 -20.19
CA THR A 74 9.91 -16.82 -21.45
C THR A 74 8.60 -17.61 -21.63
N HIS A 75 8.61 -18.89 -21.24
CA HIS A 75 7.36 -19.69 -21.25
C HIS A 75 6.31 -19.10 -20.31
N ILE A 76 6.72 -18.63 -19.13
CA ILE A 76 5.78 -18.03 -18.19
C ILE A 76 5.21 -16.74 -18.78
N VAL A 77 6.08 -15.83 -19.22
CA VAL A 77 5.65 -14.58 -19.85
C VAL A 77 4.73 -14.86 -21.03
N ASN A 78 5.07 -15.84 -21.85
CA ASN A 78 4.21 -16.21 -22.97
C ASN A 78 2.84 -16.68 -22.50
N ALA A 79 2.83 -17.48 -21.44
CA ALA A 79 1.57 -17.98 -20.88
C ALA A 79 0.71 -16.82 -20.37
N TYR A 80 1.35 -15.86 -19.70
CA TYR A 80 0.65 -14.66 -19.21
C TYR A 80 0.02 -13.88 -20.38
N ASP A 81 0.82 -13.66 -21.42
CA ASP A 81 0.34 -12.94 -22.60
C ASP A 81 -0.87 -13.66 -23.19
N THR A 82 -0.80 -14.99 -23.20
CA THR A 82 -1.89 -15.83 -23.70
C THR A 82 -3.14 -15.68 -22.84
N ALA A 83 -2.95 -15.66 -21.51
CA ALA A 83 -4.07 -15.55 -20.58
C ALA A 83 -4.75 -14.19 -20.68
N ILE A 84 -3.92 -13.15 -20.78
CA ILE A 84 -4.40 -11.77 -20.90
C ILE A 84 -5.21 -11.58 -22.19
N GLU A 85 -4.66 -12.08 -23.30
CA GLU A 85 -5.31 -12.00 -24.60
C GLU A 85 -6.66 -12.71 -24.60
N ASP A 86 -6.77 -13.81 -23.86
CA ASP A 86 -8.00 -14.59 -23.81
C ASP A 86 -8.88 -14.19 -22.62
N GLN A 87 -8.35 -13.32 -21.77
CA GLN A 87 -8.97 -12.98 -20.50
C GLN A 87 -9.30 -14.25 -19.68
N SER A 88 -8.28 -15.08 -19.46
CA SER A 88 -8.45 -16.32 -18.74
C SER A 88 -7.68 -16.25 -17.42
N PRO A 89 -8.23 -16.86 -16.37
CA PRO A 89 -7.51 -16.92 -15.08
C PRO A 89 -6.20 -17.68 -15.26
N ILE A 90 -5.14 -17.24 -14.59
CA ILE A 90 -3.84 -17.91 -14.73
C ILE A 90 -3.31 -18.43 -13.38
N VAL A 91 -2.95 -19.72 -13.36
CA VAL A 91 -2.52 -20.40 -12.14
C VAL A 91 -1.06 -20.89 -12.24
N GLY A 92 -0.20 -20.43 -11.32
CA GLY A 92 1.17 -20.89 -11.28
C GLY A 92 1.37 -21.90 -10.16
N ILE A 93 2.11 -22.97 -10.45
CA ILE A 93 2.46 -23.99 -9.46
C ILE A 93 3.97 -23.92 -9.24
N TRP A 94 4.38 -23.73 -7.98
CA TRP A 94 5.76 -23.35 -7.69
C TRP A 94 6.55 -24.34 -6.85
N HIS A 95 7.75 -24.65 -7.34
CA HIS A 95 8.72 -25.51 -6.66
C HIS A 95 10.06 -25.18 -7.31
N SER A 96 10.79 -24.26 -6.70
CA SER A 96 11.93 -23.66 -7.39
C SER A 96 12.91 -22.93 -6.48
N GLY A 97 14.20 -23.23 -6.62
CA GLY A 97 15.21 -22.58 -5.80
C GLY A 97 15.54 -21.13 -6.18
N GLY A 98 14.75 -20.52 -7.06
CA GLY A 98 15.04 -19.17 -7.50
C GLY A 98 15.67 -19.17 -8.87
N ALA A 99 16.41 -18.11 -9.20
CA ALA A 99 17.01 -17.97 -10.52
C ALA A 99 18.20 -18.92 -10.75
N ARG A 100 18.42 -19.32 -12.00
CA ARG A 100 19.61 -20.09 -12.38
C ARG A 100 20.84 -19.18 -12.28
N LEU A 101 21.61 -19.34 -11.19
CA LEU A 101 22.72 -18.45 -10.88
C LEU A 101 23.76 -18.39 -12.01
N ALA A 102 24.05 -19.55 -12.61
CA ALA A 102 25.04 -19.62 -13.68
C ALA A 102 24.66 -18.75 -14.90
N GLU A 103 23.36 -18.53 -15.12
CA GLU A 103 22.93 -17.70 -16.24
C GLU A 103 23.13 -16.20 -15.96
N GLY A 104 23.36 -15.88 -14.69
CA GLY A 104 23.67 -14.51 -14.32
C GLY A 104 22.56 -13.51 -14.61
N VAL A 105 22.96 -12.30 -15.01
CA VAL A 105 21.96 -11.25 -15.14
CA VAL A 105 22.07 -11.17 -15.26
C VAL A 105 20.95 -11.50 -16.27
N ARG A 106 21.26 -12.38 -17.20
CA ARG A 106 20.24 -12.76 -18.19
C ARG A 106 19.02 -13.39 -17.49
N ALA A 107 19.29 -14.25 -16.51
CA ALA A 107 18.21 -14.86 -15.72
C ALA A 107 17.57 -13.82 -14.81
N LEU A 108 18.40 -12.95 -14.25
CA LEU A 108 17.93 -11.86 -13.40
C LEU A 108 16.88 -11.04 -14.15
N HIS A 109 17.28 -10.56 -15.32
CA HIS A 109 16.39 -9.82 -16.19
C HIS A 109 15.15 -10.63 -16.55
N ALA A 110 15.33 -11.91 -16.88
CA ALA A 110 14.22 -12.78 -17.28
C ALA A 110 13.20 -12.88 -16.15
N VAL A 111 13.71 -13.02 -14.92
CA VAL A 111 12.83 -13.06 -13.75
C VAL A 111 11.99 -11.78 -13.65
N GLY A 112 12.63 -10.61 -13.77
CA GLY A 112 11.92 -9.34 -13.69
C GLY A 112 10.81 -9.25 -14.74
N GLN A 113 11.08 -9.82 -15.91
CA GLN A 113 10.05 -9.89 -16.95
C GLN A 113 8.84 -10.73 -16.54
N VAL A 114 9.07 -11.77 -15.73
CA VAL A 114 7.94 -12.51 -15.18
C VAL A 114 7.12 -11.56 -14.32
N PHE A 115 7.78 -10.87 -13.40
CA PHE A 115 7.12 -9.88 -12.54
C PHE A 115 6.31 -8.87 -13.34
N GLU A 116 6.91 -8.35 -14.41
CA GLU A 116 6.23 -7.36 -15.24
C GLU A 116 4.96 -7.92 -15.91
N ALA A 117 5.01 -9.19 -16.32
CA ALA A 117 3.83 -9.89 -16.82
C ALA A 117 2.74 -9.94 -15.75
N MET A 118 3.13 -10.35 -14.55
CA MET A 118 2.20 -10.39 -13.44
C MET A 118 1.61 -9.02 -13.16
N ILE A 119 2.44 -7.97 -13.26
CA ILE A 119 1.94 -6.61 -13.01
C ILE A 119 0.96 -6.18 -14.10
N ARG A 120 1.29 -6.47 -15.36
CA ARG A 120 0.33 -6.23 -16.44
C ARG A 120 -1.01 -6.96 -16.28
N ALA A 121 -1.00 -8.14 -15.65
CA ALA A 121 -2.24 -8.94 -15.54
C ALA A 121 -3.05 -8.55 -14.31
N SER A 122 -2.40 -7.79 -13.42
CA SER A 122 -2.95 -7.42 -12.13
C SER A 122 -4.31 -6.71 -12.25
N GLY A 123 -5.32 -7.24 -11.58
CA GLY A 123 -6.64 -6.63 -11.56
C GLY A 123 -7.40 -6.82 -12.87
N TYR A 124 -6.78 -7.52 -13.82
CA TYR A 124 -7.40 -7.76 -15.14
C TYR A 124 -7.84 -9.22 -15.33
N ILE A 125 -6.95 -10.14 -15.02
CA ILE A 125 -7.30 -11.56 -14.94
C ILE A 125 -6.89 -12.08 -13.57
N PRO A 126 -7.65 -13.04 -13.03
CA PRO A 126 -7.29 -13.61 -11.71
C PRO A 126 -5.93 -14.31 -11.78
N GLN A 127 -5.05 -14.02 -10.84
CA GLN A 127 -3.79 -14.76 -10.74
C GLN A 127 -3.73 -15.56 -9.43
N ILE A 128 -3.69 -16.88 -9.56
CA ILE A 128 -3.61 -17.77 -8.40
C ILE A 128 -2.25 -18.50 -8.35
N SER A 129 -1.59 -18.44 -7.19
CA SER A 129 -0.34 -19.20 -7.02
C SER A 129 -0.58 -20.38 -6.11
N VAL A 130 -0.08 -21.54 -6.50
CA VAL A 130 -0.08 -22.73 -5.66
C VAL A 130 1.37 -23.14 -5.36
N VAL A 131 1.79 -22.99 -4.10
CA VAL A 131 3.17 -23.31 -3.72
C VAL A 131 3.24 -24.73 -3.15
N VAL A 132 3.87 -25.64 -3.88
CA VAL A 132 3.83 -27.05 -3.51
C VAL A 132 5.17 -27.62 -3.01
N GLY A 133 6.26 -26.94 -3.35
CA GLY A 133 7.57 -27.37 -2.93
C GLY A 133 8.41 -26.22 -2.42
N PHE A 134 9.72 -26.37 -2.53
CA PHE A 134 10.66 -25.35 -2.12
C PHE A 134 10.46 -24.10 -2.96
N ALA A 135 10.58 -22.93 -2.35
CA ALA A 135 10.52 -21.66 -3.09
C ALA A 135 11.47 -20.63 -2.48
N ALA A 136 12.36 -20.08 -3.32
CA ALA A 136 13.31 -19.07 -2.87
C ALA A 136 13.57 -18.07 -4.00
N GLY A 137 14.23 -16.95 -3.68
CA GLY A 137 14.51 -15.92 -4.69
C GLY A 137 13.25 -15.48 -5.41
N GLY A 138 13.33 -15.35 -6.74
CA GLY A 138 12.21 -14.89 -7.54
C GLY A 138 11.03 -15.85 -7.51
N ALA A 139 11.28 -17.11 -7.19
CA ALA A 139 10.21 -18.09 -7.14
C ALA A 139 9.43 -18.00 -5.83
N ALA A 140 10.00 -17.34 -4.83
CA ALA A 140 9.23 -17.07 -3.62
C ALA A 140 8.51 -15.78 -3.84
N TYR A 141 9.15 -14.90 -4.60
CA TYR A 141 8.61 -13.57 -4.77
C TYR A 141 7.46 -13.50 -5.77
N GLY A 142 7.57 -14.25 -6.87
CA GLY A 142 6.51 -14.34 -7.85
C GLY A 142 5.12 -14.41 -7.24
N PRO A 143 4.86 -15.44 -6.40
CA PRO A 143 3.54 -15.61 -5.76
C PRO A 143 3.09 -14.36 -5.04
N ALA A 144 4.03 -13.67 -4.40
CA ALA A 144 3.70 -12.43 -3.69
C ALA A 144 3.02 -11.39 -4.58
N LEU A 145 3.25 -11.46 -5.89
CA LEU A 145 2.61 -10.50 -6.81
C LEU A 145 1.24 -10.97 -7.30
N THR A 146 0.83 -12.19 -6.96
CA THR A 146 -0.45 -12.71 -7.47
C THR A 146 -1.57 -12.36 -6.50
N ASP A 147 -2.80 -12.76 -6.82
CA ASP A 147 -3.97 -12.35 -6.02
C ASP A 147 -4.19 -13.22 -4.79
N VAL A 148 -4.14 -14.54 -4.99
CA VAL A 148 -4.33 -15.49 -3.89
C VAL A 148 -3.23 -16.56 -3.92
N VAL A 149 -2.50 -16.69 -2.82
CA VAL A 149 -1.47 -17.71 -2.68
C VAL A 149 -1.95 -18.90 -1.82
N VAL A 150 -1.94 -20.10 -2.40
CA VAL A 150 -2.28 -21.32 -1.66
C VAL A 150 -0.97 -22.08 -1.40
N MET A 151 -0.75 -22.50 -0.16
CA MET A 151 0.49 -23.20 0.16
C MET A 151 0.23 -24.63 0.63
N ALA A 152 0.91 -25.57 -0.02
CA ALA A 152 0.93 -26.95 0.44
C ALA A 152 1.75 -27.01 1.73
N PRO A 153 1.33 -27.87 2.67
CA PRO A 153 2.06 -27.94 3.95
C PRO A 153 3.52 -28.37 3.80
N GLU A 154 3.84 -29.07 2.72
CA GLU A 154 5.23 -29.47 2.49
C GLU A 154 6.09 -28.35 1.92
N SER A 155 5.45 -27.34 1.35
CA SER A 155 6.18 -26.24 0.73
C SER A 155 7.10 -25.56 1.74
N ARG A 156 8.26 -25.10 1.29
CA ARG A 156 9.19 -24.35 2.13
C ARG A 156 9.61 -23.08 1.42
N VAL A 157 9.57 -21.95 2.14
CA VAL A 157 10.02 -20.68 1.60
C VAL A 157 11.35 -20.25 2.25
N PHE A 158 12.29 -19.80 1.43
CA PHE A 158 13.56 -19.28 1.93
C PHE A 158 13.84 -17.88 1.37
N VAL A 159 14.13 -16.95 2.27
CA VAL A 159 14.53 -15.61 1.88
CA VAL A 159 14.49 -15.58 1.91
C VAL A 159 15.65 -15.14 2.81
N THR A 160 16.60 -14.38 2.26
CA THR A 160 17.74 -13.91 3.05
C THR A 160 18.14 -12.50 2.64
N GLY A 161 18.80 -11.79 3.56
CA GLY A 161 19.37 -10.49 3.25
C GLY A 161 20.67 -10.66 2.49
N PRO A 162 21.44 -9.56 2.36
CA PRO A 162 22.73 -9.58 1.64
C PRO A 162 23.76 -10.44 2.35
N ALA A 176 17.53 -13.92 8.00
CA ALA A 176 17.30 -15.07 7.13
C ALA A 176 16.21 -16.02 7.67
N SER A 177 15.38 -16.54 6.77
CA SER A 177 14.22 -17.34 7.16
C SER A 177 14.00 -18.56 6.26
N LEU A 178 13.87 -19.73 6.86
CA LEU A 178 13.47 -20.95 6.16
C LEU A 178 12.30 -21.57 6.92
N GLY A 179 11.10 -21.47 6.34
CA GLY A 179 9.92 -21.96 7.02
C GLY A 179 8.89 -22.60 6.11
N GLY A 180 7.97 -23.35 6.73
CA GLY A 180 6.79 -23.83 6.04
C GLY A 180 5.66 -22.87 6.41
N PRO A 181 4.49 -23.04 5.76
CA PRO A 181 3.30 -22.22 6.02
C PRO A 181 2.77 -22.35 7.47
N GLU A 182 2.64 -23.59 7.94
CA GLU A 182 2.17 -23.84 9.31
C GLU A 182 3.11 -23.28 10.38
N THR A 183 4.34 -22.94 9.99
CA THR A 183 5.37 -22.49 10.93
C THR A 183 5.74 -21.01 10.81
N HIS A 184 5.33 -20.37 9.73
CA HIS A 184 5.77 -19.00 9.45
C HIS A 184 4.78 -18.19 8.63
N HIS A 185 4.49 -18.68 7.43
CA HIS A 185 3.85 -17.86 6.41
C HIS A 185 2.35 -17.65 6.62
N LYS A 186 1.71 -18.60 7.29
CA LYS A 186 0.32 -18.43 7.74
C LYS A 186 0.21 -17.15 8.56
N LYS A 187 1.25 -16.85 9.34
CA LYS A 187 1.20 -15.72 10.26
C LYS A 187 1.85 -14.43 9.71
N SER A 188 2.10 -14.38 8.40
CA SER A 188 2.80 -13.22 7.81
C SER A 188 2.05 -12.53 6.66
N GLY A 189 0.84 -12.99 6.35
CA GLY A 189 0.00 -12.26 5.42
C GLY A 189 0.35 -12.34 3.95
N VAL A 190 1.35 -13.14 3.62
CA VAL A 190 1.69 -13.33 2.21
C VAL A 190 0.96 -14.57 1.69
N CYS A 191 0.86 -15.57 2.56
CA CYS A 191 0.09 -16.78 2.27
C CYS A 191 -1.40 -16.54 2.61
N HIS A 192 -2.29 -16.78 1.66
CA HIS A 192 -3.72 -16.58 1.92
C HIS A 192 -4.40 -17.83 2.49
N ILE A 193 -4.01 -18.98 1.98
CA ILE A 193 -4.69 -20.21 2.32
C ILE A 193 -3.66 -21.30 2.50
N VAL A 194 -3.75 -22.05 3.59
CA VAL A 194 -2.85 -23.18 3.82
C VAL A 194 -3.64 -24.46 3.62
N ALA A 195 -3.15 -25.36 2.78
CA ALA A 195 -3.92 -26.57 2.44
C ALA A 195 -3.54 -27.77 3.31
N ASP A 196 -4.28 -28.86 3.13
CA ASP A 196 -4.03 -30.10 3.88
C ASP A 196 -2.89 -30.90 3.26
N ASP A 197 -2.85 -30.90 1.93
CA ASP A 197 -1.79 -31.57 1.18
C ASP A 197 -1.73 -31.00 -0.22
N GLU A 198 -0.80 -31.49 -1.04
CA GLU A 198 -0.64 -30.99 -2.40
C GLU A 198 -1.96 -31.12 -3.19
N LEU A 199 -2.55 -32.31 -3.11
CA LEU A 199 -3.81 -32.58 -3.80
C LEU A 199 -4.88 -31.61 -3.36
N ASP A 200 -4.99 -31.42 -2.04
CA ASP A 200 -5.96 -30.49 -1.50
C ASP A 200 -5.66 -29.05 -1.97
N ALA A 201 -4.37 -28.70 -2.05
CA ALA A 201 -3.96 -27.38 -2.52
C ALA A 201 -4.51 -27.11 -3.93
N TYR A 202 -4.39 -28.10 -4.83
CA TYR A 202 -4.99 -28.00 -6.15
C TYR A 202 -6.50 -27.80 -6.06
N ASP A 203 -7.16 -28.61 -5.21
CA ASP A 203 -8.61 -28.49 -5.01
C ASP A 203 -9.05 -27.07 -4.61
N ARG A 204 -8.27 -26.44 -3.74
CA ARG A 204 -8.59 -25.11 -3.29
C ARG A 204 -8.36 -24.11 -4.41
N GLY A 205 -7.20 -24.27 -5.06
CA GLY A 205 -6.89 -23.50 -6.24
C GLY A 205 -8.06 -23.61 -7.20
N ARG A 206 -8.50 -24.85 -7.43
CA ARG A 206 -9.60 -25.12 -8.35
C ARG A 206 -10.87 -24.37 -7.91
N ARG A 207 -11.15 -24.41 -6.62
CA ARG A 207 -12.36 -23.79 -6.09
C ARG A 207 -12.24 -22.26 -6.21
N LEU A 208 -11.01 -21.77 -6.13
CA LEU A 208 -10.74 -20.34 -6.25
C LEU A 208 -11.08 -19.82 -7.66
N VAL A 209 -10.73 -20.58 -8.70
CA VAL A 209 -11.09 -20.11 -10.04
C VAL A 209 -12.61 -20.14 -10.23
N GLY A 210 -13.28 -21.13 -9.64
CA GLY A 210 -14.74 -21.16 -9.66
C GLY A 210 -15.32 -19.87 -9.05
N LEU A 211 -14.78 -19.46 -7.90
CA LEU A 211 -15.25 -18.27 -7.19
C LEU A 211 -15.06 -16.99 -8.00
N PHE A 212 -13.95 -16.91 -8.72
CA PHE A 212 -13.67 -15.77 -9.59
C PHE A 212 -14.41 -15.84 -10.95
N CYS A 213 -14.49 -17.03 -11.52
CA CYS A 213 -14.97 -17.20 -12.90
C CYS A 213 -16.34 -17.87 -13.08
N GLN A 214 -16.95 -18.30 -11.98
CA GLN A 214 -18.34 -18.74 -12.01
C GLN A 214 -19.07 -18.09 -10.85
N GLN A 215 -19.19 -16.77 -10.91
CA GLN A 215 -19.65 -16.00 -9.76
C GLN A 215 -21.14 -16.23 -9.47
N GLY A 216 -21.87 -16.77 -10.44
CA GLY A 216 -23.27 -17.07 -10.26
C GLY A 216 -24.18 -15.86 -10.12
N HIS A 217 -25.36 -16.06 -9.53
CA HIS A 217 -26.33 -14.99 -9.35
C HIS A 217 -26.99 -15.11 -7.99
N PHE A 218 -27.53 -13.99 -7.49
CA PHE A 218 -28.29 -13.99 -6.25
C PHE A 218 -29.64 -14.66 -6.43
N ASP A 219 -30.11 -15.31 -5.38
CA ASP A 219 -31.47 -15.85 -5.37
C ASP A 219 -32.18 -15.55 -4.05
N ARG A 220 -33.21 -14.72 -4.12
CA ARG A 220 -34.00 -14.35 -2.94
C ARG A 220 -34.45 -15.56 -2.11
N SER A 221 -35.12 -16.50 -2.76
CA SER A 221 -35.64 -17.70 -2.09
C SER A 221 -34.59 -18.48 -1.31
N LYS A 222 -33.49 -18.80 -1.99
CA LYS A 222 -32.36 -19.49 -1.37
C LYS A 222 -31.82 -18.66 -0.19
N ALA A 223 -31.78 -17.34 -0.36
CA ALA A 223 -31.28 -16.50 0.71
C ALA A 223 -32.20 -16.60 1.92
N GLU A 224 -33.51 -16.43 1.67
CA GLU A 224 -34.51 -16.50 2.74
C GLU A 224 -34.48 -17.83 3.49
N ALA A 225 -34.35 -18.93 2.74
CA ALA A 225 -34.42 -20.26 3.33
C ALA A 225 -33.23 -20.51 4.26
N GLY A 226 -32.15 -19.76 4.04
CA GLY A 226 -30.96 -19.90 4.86
C GLY A 226 -30.93 -19.00 6.10
N ASP A 227 -31.94 -18.15 6.25
CA ASP A 227 -32.02 -17.21 7.39
C ASP A 227 -32.05 -17.90 8.76
N THR A 228 -31.23 -17.42 9.68
CA THR A 228 -31.31 -17.83 11.09
C THR A 228 -31.21 -16.58 11.97
N ASP A 229 -31.47 -16.72 13.27
CA ASP A 229 -31.28 -15.60 14.19
C ASP A 229 -29.78 -15.43 14.50
N ILE A 230 -29.09 -14.76 13.58
CA ILE A 230 -27.64 -14.60 13.68
C ILE A 230 -27.28 -13.84 14.95
N HIS A 231 -28.21 -12.99 15.40
CA HIS A 231 -28.02 -12.22 16.63
C HIS A 231 -27.75 -13.12 17.85
N ALA A 232 -28.34 -14.32 17.86
CA ALA A 232 -28.14 -15.25 18.98
C ALA A 232 -26.67 -15.68 19.13
N LEU A 233 -25.86 -15.41 18.11
CA LEU A 233 -24.44 -15.76 18.16
C LEU A 233 -23.63 -14.73 18.96
N LEU A 234 -24.27 -13.62 19.33
CA LEU A 234 -23.64 -12.61 20.17
C LEU A 234 -23.73 -12.99 21.65
N PRO A 235 -22.68 -12.63 22.44
CA PRO A 235 -22.65 -12.82 23.90
C PRO A 235 -23.66 -11.89 24.56
N GLU A 236 -24.01 -12.14 25.82
CA GLU A 236 -25.05 -11.34 26.47
C GLU A 236 -24.66 -9.88 26.74
N SER A 237 -23.41 -9.68 27.17
CA SER A 237 -22.88 -8.34 27.44
C SER A 237 -22.25 -7.71 26.19
N SER A 238 -22.74 -6.53 25.83
CA SER A 238 -22.19 -5.78 24.68
C SER A 238 -20.72 -5.39 24.91
N ARG A 239 -20.30 -5.44 26.17
CA ARG A 239 -18.97 -4.99 26.56
C ARG A 239 -17.91 -6.08 26.37
N ARG A 240 -18.34 -7.27 25.99
CA ARG A 240 -17.43 -8.41 25.94
C ARG A 240 -17.19 -9.03 24.57
N ALA A 241 -16.02 -9.65 24.42
CA ALA A 241 -15.57 -10.20 23.13
C ALA A 241 -16.25 -11.52 22.73
N TYR A 242 -16.22 -11.80 21.43
CA TYR A 242 -16.71 -13.07 20.86
C TYR A 242 -16.04 -13.28 19.51
N ASP A 243 -16.16 -14.50 18.97
CA ASP A 243 -15.67 -14.81 17.64
C ASP A 243 -16.73 -14.49 16.59
N VAL A 244 -16.37 -13.65 15.61
CA VAL A 244 -17.32 -13.23 14.57
C VAL A 244 -17.46 -14.29 13.47
N ARG A 245 -16.47 -15.18 13.37
CA ARG A 245 -16.48 -16.20 12.32
C ARG A 245 -17.78 -17.02 12.17
N PRO A 246 -18.38 -17.45 13.30
CA PRO A 246 -19.68 -18.12 13.18
C PRO A 246 -20.78 -17.22 12.59
N ILE A 247 -20.68 -15.91 12.80
CA ILE A 247 -21.64 -14.99 12.19
C ILE A 247 -21.44 -14.96 10.67
N VAL A 248 -20.18 -14.91 10.25
CA VAL A 248 -19.85 -15.00 8.84
C VAL A 248 -20.43 -16.29 8.27
N THR A 249 -20.14 -17.41 8.95
CA THR A 249 -20.68 -18.72 8.60
C THR A 249 -22.19 -18.69 8.41
N ALA A 250 -22.89 -18.11 9.38
CA ALA A 250 -24.35 -18.01 9.33
C ALA A 250 -24.82 -17.28 8.07
N ILE A 251 -24.23 -16.12 7.81
CA ILE A 251 -24.63 -15.34 6.63
C ILE A 251 -24.46 -16.13 5.32
N LEU A 252 -23.32 -16.82 5.17
CA LEU A 252 -22.98 -17.49 3.91
C LEU A 252 -23.71 -18.81 3.75
N ASP A 253 -23.76 -19.33 2.52
CA ASP A 253 -24.48 -20.57 2.24
C ASP A 253 -24.00 -21.72 3.13
N ALA A 254 -24.97 -22.38 3.75
CA ALA A 254 -24.76 -23.37 4.80
C ALA A 254 -23.70 -24.42 4.47
N ASP A 255 -23.84 -25.07 3.33
CA ASP A 255 -22.87 -26.10 3.00
C ASP A 255 -22.04 -25.77 1.76
N THR A 256 -21.38 -24.63 1.87
CA THR A 256 -20.39 -24.19 0.91
C THR A 256 -19.27 -23.60 1.76
N PRO A 257 -18.01 -23.95 1.46
CA PRO A 257 -16.95 -23.46 2.35
C PRO A 257 -16.76 -21.95 2.32
N PHE A 258 -16.36 -21.40 3.47
CA PHE A 258 -15.92 -20.02 3.52
C PHE A 258 -14.42 -20.04 3.33
N ASP A 259 -13.95 -19.43 2.25
CA ASP A 259 -12.53 -19.44 1.98
C ASP A 259 -11.87 -18.21 2.57
N GLU A 260 -11.63 -18.28 3.88
CA GLU A 260 -10.95 -17.23 4.63
C GLU A 260 -9.52 -17.02 4.14
N PHE A 261 -9.12 -15.76 4.00
CA PHE A 261 -7.75 -15.43 3.60
C PHE A 261 -6.96 -15.02 4.84
N GLN A 262 -5.73 -15.53 4.98
CA GLN A 262 -4.81 -14.97 5.96
C GLN A 262 -5.39 -15.05 7.37
N ALA A 263 -5.96 -16.20 7.71
CA ALA A 263 -6.73 -16.31 8.95
C ALA A 263 -5.89 -16.01 10.19
N ASN A 264 -4.59 -16.29 10.10
CA ASN A 264 -3.71 -16.16 11.26
C ASN A 264 -2.84 -14.91 11.20
N TRP A 265 -3.11 -14.05 10.22
CA TRP A 265 -2.44 -12.76 10.14
C TRP A 265 -3.47 -11.66 10.31
N ALA A 266 -3.16 -10.67 11.15
CA ALA A 266 -4.10 -9.58 11.45
C ALA A 266 -5.46 -10.13 11.88
N PRO A 267 -5.51 -10.89 13.00
CA PRO A 267 -6.77 -11.61 13.23
C PRO A 267 -7.89 -10.77 13.83
N SER A 268 -7.67 -9.46 14.02
CA SER A 268 -8.78 -8.60 14.40
C SER A 268 -9.69 -8.31 13.19
N MET A 269 -9.25 -8.80 12.03
CA MET A 269 -9.96 -8.56 10.76
C MET A 269 -10.13 -9.88 10.02
N VAL A 270 -11.37 -10.25 9.78
CA VAL A 270 -11.65 -11.48 9.03
C VAL A 270 -12.05 -11.12 7.59
N VAL A 271 -11.36 -11.69 6.60
CA VAL A 271 -11.77 -11.50 5.21
C VAL A 271 -11.75 -12.84 4.51
N GLY A 272 -12.47 -12.93 3.39
CA GLY A 272 -12.47 -14.16 2.60
C GLY A 272 -13.63 -14.23 1.61
N LEU A 273 -13.62 -15.28 0.78
CA LEU A 273 -14.62 -15.43 -0.26
C LEU A 273 -15.57 -16.57 0.08
N GLY A 274 -16.85 -16.39 -0.26
CA GLY A 274 -17.83 -17.46 -0.10
C GLY A 274 -18.97 -17.26 -1.09
N ARG A 275 -20.06 -17.99 -0.86
CA ARG A 275 -21.24 -17.80 -1.68
C ARG A 275 -22.46 -17.43 -0.84
N LEU A 276 -23.24 -16.52 -1.39
CA LEU A 276 -24.42 -16.02 -0.74
C LEU A 276 -25.56 -16.27 -1.74
N SER A 277 -26.40 -17.27 -1.42
CA SER A 277 -27.39 -17.82 -2.33
C SER A 277 -26.80 -18.20 -3.68
N GLY A 278 -25.55 -18.67 -3.66
CA GLY A 278 -24.90 -19.19 -4.85
C GLY A 278 -23.95 -18.18 -5.47
N ARG A 279 -24.10 -16.92 -5.10
CA ARG A 279 -23.31 -15.85 -5.72
C ARG A 279 -22.03 -15.56 -4.95
N THR A 280 -20.90 -15.58 -5.66
CA THR A 280 -19.61 -15.28 -5.03
C THR A 280 -19.69 -13.91 -4.39
N VAL A 281 -19.35 -13.82 -3.11
CA VAL A 281 -19.24 -12.53 -2.44
C VAL A 281 -17.99 -12.56 -1.57
N GLY A 282 -17.46 -11.38 -1.27
CA GLY A 282 -16.37 -11.22 -0.34
C GLY A 282 -16.91 -10.70 0.99
N VAL A 283 -16.30 -11.14 2.08
CA VAL A 283 -16.74 -10.73 3.40
C VAL A 283 -15.59 -10.06 4.14
N LEU A 284 -15.87 -8.94 4.79
CA LEU A 284 -14.95 -8.38 5.76
C LEU A 284 -15.73 -8.25 7.04
N ALA A 285 -15.09 -8.60 8.16
CA ALA A 285 -15.76 -8.54 9.44
C ALA A 285 -14.73 -8.27 10.51
N ASN A 286 -14.95 -7.23 11.30
CA ASN A 286 -14.15 -7.05 12.51
C ASN A 286 -14.33 -8.26 13.44
N ASN A 287 -13.24 -8.76 14.01
CA ASN A 287 -13.33 -9.88 14.93
C ASN A 287 -12.93 -9.47 16.36
N PRO A 288 -13.93 -9.25 17.21
CA PRO A 288 -13.68 -8.79 18.60
C PRO A 288 -12.85 -9.77 19.39
N LEU A 289 -12.82 -11.03 18.93
CA LEU A 289 -11.99 -12.07 19.53
C LEU A 289 -10.56 -11.57 19.71
N ARG A 290 -10.11 -10.69 18.83
CA ARG A 290 -8.76 -10.20 18.88
CA ARG A 290 -8.75 -10.20 18.85
C ARG A 290 -8.74 -8.68 18.94
N LEU A 291 -8.01 -8.15 19.93
CA LEU A 291 -7.85 -6.71 20.13
C LEU A 291 -9.21 -5.98 20.20
N GLY A 292 -10.22 -6.69 20.70
CA GLY A 292 -11.56 -6.14 20.78
C GLY A 292 -12.14 -5.77 19.43
N GLY A 293 -11.58 -6.32 18.34
CA GLY A 293 -12.06 -5.99 17.01
C GLY A 293 -11.51 -4.67 16.44
N CYS A 294 -10.68 -3.98 17.23
CA CYS A 294 -10.05 -2.74 16.76
C CYS A 294 -9.27 -2.90 15.46
N LEU A 295 -9.29 -1.83 14.66
CA LEU A 295 -8.40 -1.76 13.51
C LEU A 295 -6.98 -1.48 13.99
N ASN A 296 -6.01 -1.99 13.25
CA ASN A 296 -4.63 -1.59 13.45
C ASN A 296 -3.94 -1.66 12.09
N SER A 297 -2.61 -1.50 12.09
CA SER A 297 -1.85 -1.46 10.85
C SER A 297 -2.13 -2.67 9.94
N GLU A 298 -1.89 -3.86 10.47
CA GLU A 298 -1.99 -5.07 9.66
C GLU A 298 -3.44 -5.35 9.25
N SER A 299 -4.38 -5.05 10.13
CA SER A 299 -5.76 -5.38 9.81
C SER A 299 -6.35 -4.39 8.77
N ALA A 300 -5.88 -3.13 8.81
CA ALA A 300 -6.31 -2.16 7.80
C ALA A 300 -5.75 -2.58 6.45
N LYS A 302 -4.81 -5.67 5.54
CA LYS A 302 -5.49 -6.88 5.13
C LYS A 302 -6.82 -6.50 4.50
N ALA A 303 -7.54 -5.57 5.13
CA ALA A 303 -8.86 -5.21 4.62
C ALA A 303 -8.73 -4.47 3.29
N ALA A 304 -7.79 -3.52 3.22
CA ALA A 304 -7.62 -2.69 2.03
C ALA A 304 -7.34 -3.57 0.81
N ARG A 305 -6.40 -4.48 0.95
CA ARG A 305 -6.01 -5.33 -0.19
CA ARG A 305 -6.03 -5.30 -0.19
C ARG A 305 -7.19 -6.17 -0.65
N PHE A 306 -7.94 -6.71 0.31
CA PHE A 306 -9.07 -7.56 -0.04
C PHE A 306 -10.17 -6.77 -0.78
N VAL A 307 -10.44 -5.55 -0.31
CA VAL A 307 -11.43 -4.69 -0.96
C VAL A 307 -11.02 -4.43 -2.40
N ARG A 308 -9.73 -4.17 -2.63
CA ARG A 308 -9.30 -3.95 -4.02
C ARG A 308 -9.43 -5.23 -4.86
N LEU A 309 -9.20 -6.38 -4.24
CA LEU A 309 -9.31 -7.65 -4.98
C LEU A 309 -10.72 -7.83 -5.53
N CYS A 310 -11.71 -7.75 -4.65
CA CYS A 310 -13.11 -7.92 -5.06
C CYS A 310 -13.56 -6.81 -6.02
N ASP A 311 -13.17 -5.58 -5.72
CA ASP A 311 -13.47 -4.47 -6.62
C ASP A 311 -12.92 -4.74 -8.03
N ALA A 312 -11.69 -5.24 -8.12
CA ALA A 312 -11.09 -5.56 -9.42
C ALA A 312 -11.98 -6.52 -10.19
N PHE A 313 -12.50 -7.55 -9.51
CA PHE A 313 -13.20 -8.59 -10.26
C PHE A 313 -14.73 -8.63 -10.16
N GLY A 314 -15.36 -7.54 -9.71
CA GLY A 314 -16.82 -7.48 -9.74
C GLY A 314 -17.50 -8.31 -8.65
N ILE A 315 -16.77 -8.57 -7.57
CA ILE A 315 -17.30 -9.36 -6.47
C ILE A 315 -17.87 -8.43 -5.40
N PRO A 316 -19.20 -8.50 -5.17
CA PRO A 316 -19.79 -7.64 -4.13
C PRO A 316 -19.33 -8.02 -2.71
N LEU A 317 -19.53 -7.11 -1.78
CA LEU A 317 -18.93 -7.21 -0.46
C LEU A 317 -19.99 -7.08 0.64
N VAL A 318 -19.86 -7.91 1.66
CA VAL A 318 -20.65 -7.81 2.86
C VAL A 318 -19.65 -7.38 3.92
N VAL A 319 -19.98 -6.29 4.63
CA VAL A 319 -19.08 -5.72 5.62
C VAL A 319 -19.78 -5.77 6.97
N VAL A 320 -19.23 -6.56 7.90
CA VAL A 320 -19.88 -6.75 9.19
C VAL A 320 -19.09 -5.95 10.20
N VAL A 321 -19.71 -4.90 10.72
CA VAL A 321 -18.96 -3.92 11.50
C VAL A 321 -19.27 -4.03 12.99
N ASP A 322 -18.20 -4.24 13.76
CA ASP A 322 -18.25 -4.21 15.22
C ASP A 322 -16.88 -3.73 15.68
N VAL A 323 -16.67 -2.42 15.65
CA VAL A 323 -15.31 -1.89 15.80
C VAL A 323 -15.24 -0.67 16.74
N PRO A 324 -14.50 -0.79 17.85
CA PRO A 324 -14.56 0.33 18.81
C PRO A 324 -13.50 1.40 18.59
N GLY A 325 -12.62 1.19 17.61
CA GLY A 325 -11.57 2.16 17.34
C GLY A 325 -10.34 1.51 16.72
N TYR A 326 -9.21 2.21 16.78
CA TYR A 326 -7.98 1.76 16.14
C TYR A 326 -6.83 1.79 17.16
N LEU A 327 -5.80 0.98 16.92
CA LEU A 327 -4.68 0.82 17.84
C LEU A 327 -3.34 1.03 17.14
N PRO A 328 -2.31 1.48 17.89
CA PRO A 328 -0.95 1.59 17.36
C PRO A 328 -0.24 0.25 17.48
N GLY A 329 1.01 0.17 17.00
CA GLY A 329 1.73 -1.09 16.99
C GLY A 329 2.53 -1.41 18.26
N VAL A 330 3.63 -2.13 18.06
CA VAL A 330 4.51 -2.63 19.13
C VAL A 330 4.83 -1.62 20.24
N ASP A 331 5.72 -0.68 19.93
CA ASP A 331 6.11 0.34 20.91
C ASP A 331 5.19 1.57 20.82
N GLN A 332 3.88 1.33 20.77
CA GLN A 332 2.87 2.38 20.63
C GLN A 332 3.12 3.30 19.43
N GLU A 333 3.62 2.73 18.32
CA GLU A 333 3.88 3.51 17.11
CA GLU A 333 3.88 3.51 17.11
C GLU A 333 2.63 3.64 16.25
N TRP A 334 2.38 4.85 15.78
CA TRP A 334 1.16 5.18 15.05
C TRP A 334 1.28 5.23 13.53
N GLY A 335 2.51 5.31 13.02
CA GLY A 335 2.73 5.40 11.58
C GLY A 335 1.98 4.38 10.74
N GLY A 336 2.12 3.09 11.09
CA GLY A 336 1.50 2.02 10.33
C GLY A 336 -0.02 2.16 10.20
N VAL A 337 -0.69 2.38 11.33
CA VAL A 337 -2.14 2.44 11.29
C VAL A 337 -2.63 3.71 10.59
N VAL A 338 -1.90 4.81 10.73
CA VAL A 338 -2.28 6.02 10.02
C VAL A 338 -2.17 5.86 8.49
N ARG A 339 -1.21 5.16 8.02
CA ARG A 339 -0.97 4.97 6.60
C ARG A 339 -1.83 3.87 6.01
N ARG A 340 -1.90 2.75 6.71
CA ARG A 340 -2.68 1.62 6.24
C ARG A 340 -4.12 1.99 6.30
N GLY A 341 -4.49 2.73 7.32
CA GLY A 341 -5.81 3.25 7.41
C GLY A 341 -6.19 4.08 6.24
N ALA A 342 -5.26 4.90 5.76
CA ALA A 342 -5.50 5.74 4.60
C ALA A 342 -5.83 4.89 3.38
N LYS A 343 -5.12 3.79 3.23
CA LYS A 343 -5.35 2.86 2.12
C LYS A 343 -6.76 2.28 2.20
N LEU A 344 -7.20 1.97 3.42
CA LEU A 344 -8.52 1.42 3.64
C LEU A 344 -9.59 2.44 3.22
N LEU A 345 -9.38 3.70 3.60
CA LEU A 345 -10.30 4.77 3.24
C LEU A 345 -10.40 4.90 1.72
N HIS A 346 -9.26 4.86 1.05
CA HIS A 346 -9.22 4.94 -0.37
C HIS A 346 -9.86 3.78 -1.02
N ALA A 347 -9.59 2.59 -0.50
CA ALA A 347 -10.11 1.36 -1.10
C ALA A 347 -11.63 1.38 -1.10
N PHE A 348 -12.23 1.73 0.03
CA PHE A 348 -13.68 1.75 0.08
C PHE A 348 -14.23 2.92 -0.72
N GLY A 349 -13.61 4.09 -0.57
CA GLY A 349 -14.10 5.30 -1.24
C GLY A 349 -14.11 5.18 -2.75
N GLU A 350 -13.16 4.42 -3.29
CA GLU A 350 -13.04 4.24 -4.73
C GLU A 350 -13.83 3.04 -5.23
N CYS A 351 -14.24 2.20 -4.31
CA CYS A 351 -14.91 0.95 -4.66
C CYS A 351 -16.18 1.20 -5.48
N THR A 352 -16.37 0.40 -6.52
CA THR A 352 -17.58 0.52 -7.35
C THR A 352 -18.47 -0.73 -7.42
N VAL A 353 -18.01 -1.85 -6.88
CA VAL A 353 -18.90 -3.01 -6.74
C VAL A 353 -19.83 -2.76 -5.55
N PRO A 354 -20.97 -3.47 -5.49
CA PRO A 354 -21.87 -3.22 -4.34
C PRO A 354 -21.14 -3.56 -3.05
N ARG A 355 -21.31 -2.74 -2.01
CA ARG A 355 -20.74 -3.05 -0.71
C ARG A 355 -21.72 -2.63 0.37
N VAL A 356 -22.30 -3.63 1.02
CA VAL A 356 -23.31 -3.40 2.02
C VAL A 356 -22.72 -3.56 3.42
N THR A 357 -23.02 -2.60 4.29
CA THR A 357 -22.52 -2.67 5.67
C THR A 357 -23.60 -3.18 6.62
N LEU A 358 -23.23 -4.09 7.51
CA LEU A 358 -24.12 -4.43 8.61
C LEU A 358 -23.43 -4.07 9.93
N VAL A 359 -23.99 -3.11 10.67
CA VAL A 359 -23.51 -2.81 12.01
C VAL A 359 -24.17 -3.73 13.04
N THR A 360 -23.41 -4.63 13.64
CA THR A 360 -23.95 -5.55 14.66
C THR A 360 -24.05 -4.95 16.07
N ARG A 361 -22.95 -4.42 16.60
CA ARG A 361 -22.97 -3.87 17.96
C ARG A 361 -22.51 -2.42 18.09
N LYS A 362 -21.22 -2.19 17.92
CA LYS A 362 -20.66 -0.85 18.08
C LYS A 362 -19.86 -0.43 16.86
N THR A 363 -19.83 0.87 16.59
CA THR A 363 -18.96 1.42 15.56
C THR A 363 -18.69 2.90 15.87
N TYR A 364 -17.43 3.20 16.18
CA TYR A 364 -17.06 4.53 16.67
C TYR A 364 -16.08 5.27 15.76
N GLY A 365 -16.27 6.57 15.64
CA GLY A 365 -15.24 7.47 15.17
C GLY A 365 -14.66 7.16 13.79
N GLY A 366 -13.36 7.40 13.65
CA GLY A 366 -12.68 7.24 12.37
C GLY A 366 -12.80 5.81 11.86
N ALA A 367 -12.80 4.85 12.78
CA ALA A 367 -12.96 3.44 12.41
C ALA A 367 -14.31 3.24 11.73
N TYR A 368 -15.35 3.87 12.27
CA TYR A 368 -16.67 3.81 11.62
C TYR A 368 -16.58 4.34 10.19
N ILE A 369 -15.92 5.48 10.04
CA ILE A 369 -15.83 6.12 8.72
C ILE A 369 -15.16 5.15 7.76
N ALA A 370 -14.12 4.46 8.25
CA ALA A 370 -13.34 3.55 7.42
C ALA A 370 -14.05 2.24 7.09
N MET A 371 -14.99 1.79 7.94
CA MET A 371 -15.60 0.47 7.71
C MET A 371 -16.85 0.61 6.85
N ASN A 372 -16.64 1.00 5.59
CA ASN A 372 -17.72 1.12 4.59
C ASN A 372 -18.86 2.01 5.07
N SER A 373 -18.53 3.23 5.52
CA SER A 373 -19.54 4.19 5.94
C SER A 373 -20.24 4.81 4.74
N ARG A 374 -21.38 5.44 5.01
CA ARG A 374 -22.17 6.13 3.99
C ARG A 374 -21.35 7.24 3.35
N SER A 375 -20.57 7.95 4.17
CA SER A 375 -19.76 9.06 3.65
C SER A 375 -18.81 8.54 2.57
N LEU A 376 -18.40 7.27 2.67
CA LEU A 376 -17.55 6.67 1.63
C LEU A 376 -18.35 5.95 0.53
N ASN A 377 -19.62 6.33 0.35
CA ASN A 377 -20.49 5.76 -0.71
C ASN A 377 -20.92 4.28 -0.54
N ALA A 378 -21.05 3.83 0.71
CA ALA A 378 -21.59 2.51 0.98
C ALA A 378 -22.94 2.36 0.26
N THR A 379 -23.10 1.25 -0.44
CA THR A 379 -24.34 0.97 -1.17
C THR A 379 -25.53 1.01 -0.22
N LYS A 380 -25.41 0.34 0.91
CA LYS A 380 -26.46 0.37 1.91
C LYS A 380 -25.87 0.01 3.26
N VAL A 381 -26.44 0.60 4.31
CA VAL A 381 -25.99 0.33 5.67
C VAL A 381 -27.16 -0.18 6.50
N PHE A 382 -27.04 -1.40 7.01
CA PHE A 382 -28.06 -1.99 7.87
C PHE A 382 -27.55 -2.00 9.29
N ALA A 383 -28.48 -2.00 10.25
CA ALA A 383 -28.10 -2.10 11.65
C ALA A 383 -29.00 -3.09 12.40
N TRP A 384 -28.44 -3.78 13.38
CA TRP A 384 -29.25 -4.55 14.31
C TRP A 384 -29.85 -3.60 15.33
N PRO A 385 -31.01 -3.95 15.92
CA PRO A 385 -31.76 -3.01 16.77
C PRO A 385 -30.89 -2.40 17.88
N ASP A 386 -30.03 -3.19 18.52
CA ASP A 386 -29.24 -2.69 19.65
C ASP A 386 -27.93 -2.01 19.25
N ALA A 387 -27.70 -1.86 17.95
CA ALA A 387 -26.43 -1.31 17.47
C ALA A 387 -26.24 0.16 17.88
N GLU A 388 -24.98 0.56 17.95
CA GLU A 388 -24.61 1.90 18.37
C GLU A 388 -23.66 2.51 17.34
N VAL A 389 -23.94 3.75 16.95
CA VAL A 389 -23.07 4.48 16.04
C VAL A 389 -22.76 5.81 16.71
N ALA A 390 -21.50 6.12 16.95
CA ALA A 390 -21.19 7.36 17.65
C ALA A 390 -19.80 7.87 17.31
N VAL A 391 -19.53 9.11 17.69
CA VAL A 391 -18.23 9.71 17.44
C VAL A 391 -17.21 9.02 18.33
N MET A 392 -17.62 8.69 19.55
CA MET A 392 -16.71 8.04 20.46
C MET A 392 -17.44 7.35 21.59
N GLY A 393 -16.67 6.65 22.41
CA GLY A 393 -17.21 5.95 23.57
C GLY A 393 -17.91 6.89 24.52
N ALA A 394 -18.95 6.39 25.18
CA ALA A 394 -19.78 7.20 26.06
C ALA A 394 -18.94 7.91 27.11
N LYS A 395 -18.02 7.17 27.73
CA LYS A 395 -17.27 7.70 28.86
C LYS A 395 -16.35 8.84 28.40
N ALA A 396 -15.77 8.68 27.21
CA ALA A 396 -14.90 9.71 26.70
C ALA A 396 -15.71 10.96 26.34
N ALA A 397 -16.82 10.75 25.64
CA ALA A 397 -17.68 11.85 25.18
C ALA A 397 -18.15 12.69 26.37
N VAL A 398 -18.64 11.98 27.36
CA VAL A 398 -19.20 12.58 28.57
C VAL A 398 -18.10 13.34 29.35
N GLY A 399 -16.87 12.82 29.32
CA GLY A 399 -15.74 13.49 29.94
C GLY A 399 -15.53 14.84 29.30
N ILE A 400 -15.87 14.94 28.03
CA ILE A 400 -15.72 16.20 27.29
C ILE A 400 -16.96 17.09 27.43
N LEU A 401 -18.14 16.51 27.18
CA LEU A 401 -19.38 17.29 27.24
C LEU A 401 -19.66 17.89 28.63
N HIS A 402 -19.35 17.16 29.70
CA HIS A 402 -19.67 17.62 31.05
C HIS A 402 -18.43 17.98 31.85
N LYS A 403 -17.40 18.44 31.16
CA LYS A 403 -16.14 18.88 31.78
C LYS A 403 -16.32 19.80 32.99
N LYS A 404 -17.22 20.79 32.90
CA LYS A 404 -17.43 21.72 34.01
C LYS A 404 -17.83 21.00 35.28
N LYS A 405 -18.84 20.12 35.20
CA LYS A 405 -19.31 19.42 36.41
C LYS A 405 -18.24 18.47 36.94
N LEU A 406 -17.57 17.79 36.02
CA LEU A 406 -16.48 16.88 36.39
C LEU A 406 -15.33 17.64 37.09
N ALA A 407 -14.94 18.76 36.51
CA ALA A 407 -13.88 19.60 37.07
C ALA A 407 -14.22 20.12 38.47
N ALA A 408 -15.46 20.56 38.64
CA ALA A 408 -15.87 21.21 39.89
C ALA A 408 -16.12 20.20 41.02
N ALA A 409 -16.30 18.93 40.66
CA ALA A 409 -16.53 17.87 41.64
C ALA A 409 -15.33 17.67 42.55
N PRO A 410 -15.58 17.18 43.79
CA PRO A 410 -14.45 16.73 44.63
C PRO A 410 -13.83 15.48 44.00
N GLU A 411 -12.51 15.34 44.07
CA GLU A 411 -11.82 14.23 43.40
C GLU A 411 -12.41 12.86 43.76
N HIS A 412 -12.84 12.69 45.01
CA HIS A 412 -13.31 11.40 45.51
C HIS A 412 -14.71 11.00 45.00
N GLU A 413 -15.38 11.90 44.30
CA GLU A 413 -16.69 11.59 43.74
C GLU A 413 -16.64 11.68 42.23
N ARG A 414 -15.57 12.27 41.71
CA ARG A 414 -15.43 12.60 40.29
C ARG A 414 -15.62 11.39 39.38
N GLU A 415 -15.05 10.25 39.76
CA GLU A 415 -15.13 9.05 38.92
C GLU A 415 -16.52 8.42 38.94
N ALA A 416 -17.17 8.46 40.09
CA ALA A 416 -18.53 7.94 40.23
C ALA A 416 -19.50 8.76 39.37
N LEU A 417 -19.30 10.09 39.40
CA LEU A 417 -20.09 11.02 38.59
C LEU A 417 -19.91 10.72 37.12
N HIS A 418 -18.65 10.50 36.74
CA HIS A 418 -18.28 10.22 35.36
C HIS A 418 -18.98 8.96 34.84
N ASP A 419 -18.99 7.92 35.68
CA ASP A 419 -19.64 6.65 35.32
C ASP A 419 -21.14 6.81 35.17
N GLN A 420 -21.75 7.57 36.09
CA GLN A 420 -23.18 7.89 36.02
C GLN A 420 -23.52 8.61 34.72
N LEU A 421 -22.76 9.64 34.39
CA LEU A 421 -22.92 10.39 33.14
C LEU A 421 -22.83 9.44 31.94
N ALA A 422 -21.81 8.58 31.94
CA ALA A 422 -21.55 7.65 30.83
C ALA A 422 -22.69 6.63 30.64
N ALA A 423 -23.18 6.09 31.75
CA ALA A 423 -24.30 5.15 31.71
C ALA A 423 -25.55 5.78 31.07
N GLU A 424 -25.87 6.99 31.49
CA GLU A 424 -27.04 7.68 30.95
C GLU A 424 -26.87 8.06 29.47
N HIS A 425 -25.66 8.51 29.12
CA HIS A 425 -25.35 8.86 27.74
C HIS A 425 -25.47 7.66 26.80
N GLU A 426 -25.01 6.49 27.23
CA GLU A 426 -25.11 5.33 26.35
C GLU A 426 -26.55 4.84 26.29
N ARG A 427 -27.32 5.15 27.32
CA ARG A 427 -28.73 4.74 27.37
C ARG A 427 -29.61 5.57 26.41
N ILE A 428 -29.28 6.86 26.25
CA ILE A 428 -30.16 7.77 25.50
C ILE A 428 -29.55 8.33 24.22
N ALA A 429 -28.24 8.12 24.03
CA ALA A 429 -27.55 8.59 22.82
C ALA A 429 -26.90 7.42 22.06
N GLY A 430 -26.33 7.71 20.90
CA GLY A 430 -26.02 6.66 19.96
C GLY A 430 -27.37 6.18 19.46
N GLY A 431 -27.51 4.89 19.16
CA GLY A 431 -28.81 4.37 18.84
C GLY A 431 -29.17 4.46 17.37
N VAL A 432 -29.79 3.39 16.88
CA VAL A 432 -30.08 3.27 15.46
C VAL A 432 -31.10 4.32 14.99
N ASP A 433 -32.09 4.61 15.84
CA ASP A 433 -33.16 5.54 15.51
C ASP A 433 -32.60 6.92 15.15
N SER A 434 -31.64 7.38 15.95
CA SER A 434 -30.99 8.64 15.66
C SER A 434 -30.15 8.52 14.39
N ALA A 435 -29.51 7.38 14.20
CA ALA A 435 -28.68 7.18 13.00
C ALA A 435 -29.53 7.07 11.72
N LEU A 436 -30.70 6.46 11.83
CA LEU A 436 -31.66 6.40 10.72
C LEU A 436 -32.15 7.80 10.34
N ASP A 437 -32.35 8.64 11.36
CA ASP A 437 -32.84 10.01 11.15
C ASP A 437 -31.82 10.85 10.37
N ILE A 438 -30.55 10.67 10.70
CA ILE A 438 -29.50 11.39 10.00
C ILE A 438 -29.33 10.84 8.59
N GLY A 439 -29.45 9.52 8.45
CA GLY A 439 -29.29 8.87 7.16
C GLY A 439 -27.97 8.14 6.98
N VAL A 440 -27.23 7.92 8.07
CA VAL A 440 -25.99 7.14 7.96
C VAL A 440 -26.30 5.63 8.03
N VAL A 441 -27.46 5.30 8.60
CA VAL A 441 -27.97 3.94 8.55
C VAL A 441 -29.23 4.00 7.69
N ASP A 442 -29.36 3.07 6.73
CA ASP A 442 -30.53 3.09 5.85
C ASP A 442 -31.72 2.37 6.47
N GLU A 443 -31.46 1.27 7.16
CA GLU A 443 -32.56 0.47 7.66
C GLU A 443 -32.15 -0.33 8.91
N LYS A 444 -33.01 -0.32 9.92
CA LYS A 444 -32.83 -1.22 11.04
C LYS A 444 -33.55 -2.51 10.68
N ILE A 445 -32.91 -3.66 10.90
CA ILE A 445 -33.47 -4.94 10.46
C ILE A 445 -33.59 -5.97 11.56
N ASP A 446 -34.61 -6.82 11.44
CA ASP A 446 -34.72 -8.00 12.28
C ASP A 446 -33.54 -8.91 11.95
N PRO A 447 -32.70 -9.20 12.97
CA PRO A 447 -31.49 -9.99 12.70
C PRO A 447 -31.78 -11.39 12.15
N ALA A 448 -33.02 -11.85 12.32
CA ALA A 448 -33.45 -13.14 11.76
C ALA A 448 -33.52 -13.12 10.23
N HIS A 449 -33.48 -11.92 9.64
CA HIS A 449 -33.55 -11.77 8.19
C HIS A 449 -32.29 -11.14 7.66
N THR A 450 -31.25 -11.20 8.48
CA THR A 450 -29.95 -10.64 8.15
C THR A 450 -29.49 -11.10 6.76
N ARG A 451 -29.41 -12.42 6.59
CA ARG A 451 -28.96 -13.02 5.33
C ARG A 451 -29.79 -12.55 4.13
N SER A 452 -31.12 -12.57 4.27
CA SER A 452 -32.00 -12.21 3.17
CA SER A 452 -32.02 -12.20 3.19
C SER A 452 -31.98 -10.71 2.85
N LYS A 453 -31.87 -9.87 3.88
CA LYS A 453 -31.80 -8.41 3.66
C LYS A 453 -30.52 -8.05 2.89
N LEU A 454 -29.39 -8.62 3.34
CA LEU A 454 -28.11 -8.41 2.68
C LEU A 454 -28.21 -8.78 1.18
N THR A 455 -28.73 -9.97 0.90
CA THR A 455 -28.86 -10.43 -0.48
C THR A 455 -29.63 -9.45 -1.34
N GLU A 456 -30.77 -9.01 -0.81
CA GLU A 456 -31.65 -8.07 -1.50
C GLU A 456 -30.91 -6.77 -1.85
N ALA A 457 -30.27 -6.17 -0.83
CA ALA A 457 -29.51 -4.95 -1.03
C ALA A 457 -28.38 -5.11 -2.07
N LEU A 458 -27.71 -6.25 -2.04
CA LEU A 458 -26.63 -6.50 -3.00
C LEU A 458 -27.19 -6.75 -4.40
N ALA A 459 -28.31 -7.48 -4.48
CA ALA A 459 -28.86 -7.84 -5.79
C ALA A 459 -29.47 -6.64 -6.48
N GLN A 460 -30.07 -5.74 -5.69
CA GLN A 460 -30.73 -4.54 -6.21
C GLN A 460 -29.71 -3.46 -6.61
N ALA A 461 -28.50 -3.60 -6.10
CA ALA A 461 -27.43 -2.66 -6.40
C ALA A 461 -26.98 -2.78 -7.86
N PRO A 462 -26.55 -1.66 -8.47
CA PRO A 462 -25.93 -1.77 -9.79
C PRO A 462 -24.63 -2.56 -9.69
N ALA A 463 -24.27 -3.28 -10.74
CA ALA A 463 -23.01 -4.02 -10.78
C ALA A 463 -21.82 -3.07 -10.61
N ARG A 464 -21.97 -1.84 -11.09
CA ARG A 464 -20.92 -0.82 -10.98
C ARG A 464 -21.44 0.57 -10.58
N ARG A 465 -20.52 1.40 -10.06
CA ARG A 465 -20.77 2.77 -9.57
C ARG A 465 -21.30 2.80 -8.14
N GLY A 466 -20.93 3.83 -7.40
CA GLY A 466 -21.24 3.94 -5.97
C GLY A 466 -19.99 4.28 -5.17
N ASP B 14 -5.61 38.10 16.73
CA ASP B 14 -5.36 36.67 16.95
C ASP B 14 -4.64 36.07 15.73
N PRO B 15 -3.42 35.55 15.94
CA PRO B 15 -2.62 34.99 14.84
C PRO B 15 -3.33 33.82 14.16
N ARG B 16 -4.30 33.22 14.85
CA ARG B 16 -5.01 32.04 14.36
C ARG B 16 -6.20 32.37 13.44
N ASP B 17 -6.42 33.66 13.20
CA ASP B 17 -7.47 34.11 12.28
C ASP B 17 -7.26 33.55 10.87
N PRO B 18 -8.29 32.88 10.33
CA PRO B 18 -8.18 32.13 9.07
C PRO B 18 -7.85 33.05 7.89
N LEU B 19 -8.50 34.21 7.83
CA LEU B 19 -8.25 35.17 6.74
C LEU B 19 -6.80 35.65 6.80
N LEU B 20 -6.31 35.90 8.03
CA LEU B 20 -4.91 36.25 8.23
C LEU B 20 -4.00 35.14 7.66
N ARG B 21 -4.25 33.90 8.04
CA ARG B 21 -3.46 32.77 7.55
C ARG B 21 -3.56 32.58 6.05
N LEU B 22 -4.79 32.64 5.50
CA LEU B 22 -4.96 32.56 4.06
C LEU B 22 -4.16 33.67 3.36
N SER B 23 -4.20 34.89 3.92
CA SER B 23 -3.46 36.01 3.33
C SER B 23 -1.94 35.84 3.40
N ASN B 24 -1.47 35.17 4.45
CA ASN B 24 -0.05 34.87 4.56
C ASN B 24 0.38 33.76 3.62
N PHE B 25 -0.59 32.96 3.17
CA PHE B 25 -0.29 31.91 2.22
C PHE B 25 -0.36 32.39 0.75
N PHE B 26 -1.50 32.99 0.39
CA PHE B 26 -1.73 33.46 -0.99
C PHE B 26 -0.87 34.66 -1.37
N ASP B 27 -0.73 34.89 -2.68
CA ASP B 27 -0.15 36.13 -3.19
C ASP B 27 -0.94 37.31 -2.62
N ASP B 28 -0.24 38.38 -2.24
CA ASP B 28 -0.91 39.56 -1.64
C ASP B 28 -1.96 40.14 -2.60
N GLY B 29 -3.18 40.30 -2.11
CA GLY B 29 -4.26 40.87 -2.91
C GLY B 29 -5.09 39.85 -3.67
N SER B 30 -4.64 38.59 -3.72
CA SER B 30 -5.26 37.60 -4.59
C SER B 30 -6.48 36.91 -3.99
N VAL B 31 -6.70 37.10 -2.68
CA VAL B 31 -7.73 36.36 -1.95
C VAL B 31 -9.17 36.71 -2.35
N GLU B 32 -9.93 35.69 -2.74
CA GLU B 32 -11.37 35.84 -2.99
C GLU B 32 -12.12 34.72 -2.27
N LEU B 33 -12.93 35.08 -1.29
CA LEU B 33 -13.63 34.08 -0.49
C LEU B 33 -14.63 33.27 -1.34
N LEU B 34 -14.76 31.98 -1.00
CA LEU B 34 -15.69 31.11 -1.69
C LEU B 34 -17.06 31.11 -1.01
N HIS B 35 -17.17 31.83 0.10
CA HIS B 35 -18.41 31.89 0.89
C HIS B 35 -18.30 33.01 1.91
N GLU B 36 -19.44 33.45 2.45
CA GLU B 36 -19.42 34.45 3.51
C GLU B 36 -18.81 33.88 4.80
N ARG B 37 -17.98 34.69 5.46
CA ARG B 37 -17.38 34.28 6.72
C ARG B 37 -18.46 33.98 7.74
N ASP B 38 -18.18 33.03 8.62
CA ASP B 38 -19.14 32.64 9.63
C ASP B 38 -18.40 32.03 10.82
N ARG B 39 -19.10 31.26 11.64
CA ARG B 39 -18.46 30.57 12.76
C ARG B 39 -18.52 29.05 12.56
N SER B 40 -18.65 28.61 11.32
CA SER B 40 -18.65 27.18 10.98
C SER B 40 -17.33 26.52 11.35
N GLY B 41 -16.29 27.34 11.47
CA GLY B 41 -14.96 26.83 11.80
C GLY B 41 -14.07 26.59 10.59
N VAL B 42 -14.51 27.05 9.42
CA VAL B 42 -13.74 26.91 8.20
C VAL B 42 -13.89 28.14 7.28
N LEU B 43 -12.77 28.60 6.72
CA LEU B 43 -12.80 29.65 5.71
C LEU B 43 -12.07 29.12 4.48
N ALA B 44 -12.78 29.10 3.35
CA ALA B 44 -12.19 28.66 2.09
C ALA B 44 -12.15 29.82 1.11
N ALA B 45 -11.07 29.90 0.34
CA ALA B 45 -10.90 30.99 -0.58
C ALA B 45 -10.13 30.54 -1.79
N ALA B 46 -10.23 31.35 -2.84
CA ALA B 46 -9.41 31.16 -4.02
C ALA B 46 -8.32 32.23 -3.95
N GLY B 47 -7.23 32.00 -4.69
CA GLY B 47 -6.18 33.00 -4.82
C GLY B 47 -5.12 32.52 -5.79
N THR B 48 -3.98 33.19 -5.80
CA THR B 48 -2.86 32.72 -6.61
C THR B 48 -1.62 32.51 -5.76
N VAL B 49 -0.77 31.61 -6.24
CA VAL B 49 0.53 31.34 -5.64
C VAL B 49 1.58 31.51 -6.73
N ASN B 50 2.29 32.63 -6.69
CA ASN B 50 3.18 33.03 -7.79
C ASN B 50 2.47 32.92 -9.15
N GLY B 51 1.24 33.41 -9.21
CA GLY B 51 0.48 33.41 -10.44
C GLY B 51 -0.50 32.27 -10.65
N VAL B 52 -0.19 31.08 -10.13
CA VAL B 52 -1.10 29.94 -10.37
C VAL B 52 -2.31 29.95 -9.47
N ARG B 53 -3.48 29.85 -10.09
CA ARG B 53 -4.73 29.84 -9.35
C ARG B 53 -4.79 28.61 -8.42
N THR B 54 -4.97 28.89 -7.14
CA THR B 54 -4.96 27.87 -6.10
C THR B 54 -6.23 28.03 -5.27
N ILE B 55 -6.73 26.91 -4.75
CA ILE B 55 -7.85 26.94 -3.81
C ILE B 55 -7.27 26.54 -2.47
N ALA B 56 -7.65 27.24 -1.41
CA ALA B 56 -7.16 26.85 -0.09
C ALA B 56 -8.27 26.95 0.94
N PHE B 57 -8.12 26.21 2.02
CA PHE B 57 -9.00 26.40 3.16
C PHE B 57 -8.20 26.39 4.46
N CYS B 58 -8.74 27.07 5.44
CA CYS B 58 -8.10 27.15 6.75
C CYS B 58 -9.13 26.90 7.83
N THR B 59 -8.89 25.90 8.68
CA THR B 59 -9.73 25.73 9.87
C THR B 59 -9.51 26.92 10.80
N ASP B 60 -10.54 27.25 11.58
CA ASP B 60 -10.52 28.47 12.39
C ASP B 60 -10.27 28.13 13.87
N GLY B 61 -9.01 28.26 14.30
CA GLY B 61 -8.64 27.98 15.67
C GLY B 61 -9.24 28.94 16.69
N THR B 62 -9.77 30.08 16.25
CA THR B 62 -10.37 31.07 17.15
C THR B 62 -11.80 30.70 17.54
N VAL B 63 -12.35 29.71 16.85
CA VAL B 63 -13.73 29.26 17.12
C VAL B 63 -13.74 27.80 17.55
N MET B 64 -14.03 27.55 18.82
CA MET B 64 -14.08 26.18 19.36
C MET B 64 -12.82 25.36 19.08
N GLY B 65 -11.66 26.00 19.14
CA GLY B 65 -10.40 25.32 18.89
C GLY B 65 -10.28 24.79 17.46
N GLY B 66 -11.13 25.29 16.58
CA GLY B 66 -11.13 24.87 15.19
C GLY B 66 -11.86 23.57 14.98
N ALA B 67 -12.67 23.18 15.96
CA ALA B 67 -13.37 21.90 15.87
C ALA B 67 -14.26 21.87 14.63
N MET B 68 -14.26 20.73 13.94
CA MET B 68 -14.94 20.59 12.67
C MET B 68 -16.41 20.17 12.82
N GLY B 69 -17.32 20.98 12.28
CA GLY B 69 -18.73 20.63 12.34
C GLY B 69 -19.31 20.47 10.94
N VAL B 70 -20.61 20.28 10.86
CA VAL B 70 -21.26 20.00 9.58
C VAL B 70 -21.04 21.12 8.56
N GLU B 71 -21.26 22.36 8.97
CA GLU B 71 -21.10 23.49 8.04
C GLU B 71 -19.68 23.76 7.60
N GLY B 72 -18.72 23.61 8.51
CA GLY B 72 -17.31 23.79 8.16
C GLY B 72 -16.89 22.74 7.14
N CYS B 73 -17.21 21.49 7.45
CA CYS B 73 -16.91 20.38 6.55
C CYS B 73 -17.50 20.64 5.16
N THR B 74 -18.71 21.19 5.15
CA THR B 74 -19.39 21.46 3.90
C THR B 74 -18.60 22.49 3.10
N HIS B 75 -18.07 23.51 3.79
CA HIS B 75 -17.17 24.49 3.16
C HIS B 75 -15.94 23.82 2.54
N ILE B 76 -15.36 22.84 3.24
CA ILE B 76 -14.19 22.12 2.69
C ILE B 76 -14.53 21.26 1.48
N VAL B 77 -15.64 20.51 1.58
CA VAL B 77 -16.11 19.69 0.46
C VAL B 77 -16.39 20.55 -0.79
N ASN B 78 -17.06 21.68 -0.57
CA ASN B 78 -17.33 22.63 -1.67
C ASN B 78 -16.04 23.18 -2.26
N ALA B 79 -15.09 23.50 -1.40
CA ALA B 79 -13.78 23.96 -1.88
C ALA B 79 -13.12 22.87 -2.74
N TYR B 80 -13.25 21.63 -2.31
CA TYR B 80 -12.70 20.50 -3.07
C TYR B 80 -13.37 20.40 -4.43
N ASP B 81 -14.70 20.43 -4.43
CA ASP B 81 -15.46 20.37 -5.69
C ASP B 81 -15.03 21.46 -6.66
N THR B 82 -14.78 22.65 -6.12
CA THR B 82 -14.38 23.79 -6.94
C THR B 82 -13.00 23.57 -7.56
N ALA B 83 -12.08 23.04 -6.76
CA ALA B 83 -10.71 22.88 -7.21
C ALA B 83 -10.63 21.76 -8.25
N ILE B 84 -11.41 20.71 -8.01
CA ILE B 84 -11.52 19.58 -8.93
C ILE B 84 -12.09 20.07 -10.27
N GLU B 85 -13.17 20.83 -10.19
CA GLU B 85 -13.81 21.42 -11.37
C GLU B 85 -12.82 22.27 -12.18
N ASP B 86 -12.00 23.07 -11.49
CA ASP B 86 -11.09 24.00 -12.18
C ASP B 86 -9.73 23.38 -12.46
N GLN B 87 -9.52 22.15 -11.99
CA GLN B 87 -8.19 21.52 -12.00
C GLN B 87 -7.15 22.46 -11.37
N SER B 88 -7.45 22.92 -10.15
CA SER B 88 -6.58 23.78 -9.37
C SER B 88 -6.05 22.95 -8.22
N PRO B 89 -4.77 23.19 -7.85
CA PRO B 89 -4.26 22.52 -6.63
C PRO B 89 -5.05 23.02 -5.41
N ILE B 90 -5.12 22.21 -4.36
CA ILE B 90 -5.85 22.61 -3.16
C ILE B 90 -5.02 22.44 -1.88
N VAL B 91 -5.01 23.48 -1.05
CA VAL B 91 -4.14 23.53 0.13
C VAL B 91 -4.98 23.74 1.38
N GLY B 92 -4.91 22.79 2.31
CA GLY B 92 -5.55 22.98 3.59
C GLY B 92 -4.56 23.46 4.65
N ILE B 93 -4.97 24.46 5.43
CA ILE B 93 -4.19 24.89 6.58
C ILE B 93 -4.90 24.40 7.83
N TRP B 94 -4.22 23.59 8.64
CA TRP B 94 -4.93 22.87 9.71
C TRP B 94 -4.61 23.32 11.11
N HIS B 95 -5.68 23.58 11.86
CA HIS B 95 -5.61 23.90 13.28
C HIS B 95 -6.97 23.54 13.88
N SER B 96 -7.09 22.31 14.38
CA SER B 96 -8.40 21.82 14.81
C SER B 96 -8.30 20.67 15.79
N GLY B 97 -9.15 20.68 16.81
CA GLY B 97 -9.18 19.59 17.77
C GLY B 97 -9.92 18.35 17.26
N GLY B 98 -10.51 18.44 16.08
CA GLY B 98 -11.28 17.32 15.56
C GLY B 98 -12.75 17.68 15.48
N ALA B 99 -13.60 16.67 15.36
CA ALA B 99 -15.05 16.87 15.19
C ALA B 99 -15.68 17.64 16.36
N ARG B 100 -16.73 18.41 16.07
CA ARG B 100 -17.54 19.01 17.14
C ARG B 100 -18.42 17.93 17.76
N LEU B 101 -18.02 17.50 18.96
CA LEU B 101 -18.68 16.38 19.63
C LEU B 101 -20.19 16.58 19.82
N ALA B 102 -20.63 17.82 20.07
CA ALA B 102 -22.04 18.10 20.32
C ALA B 102 -22.93 17.77 19.12
N GLU B 103 -22.35 17.88 17.92
CA GLU B 103 -23.09 17.61 16.70
C GLU B 103 -23.18 16.11 16.44
N GLY B 104 -22.43 15.34 17.22
CA GLY B 104 -22.48 13.88 17.17
C GLY B 104 -22.30 13.28 15.78
N VAL B 105 -23.18 12.34 15.45
CA VAL B 105 -23.07 11.56 14.22
C VAL B 105 -23.08 12.43 12.94
N ARG B 106 -23.86 13.51 12.96
CA ARG B 106 -23.91 14.43 11.83
C ARG B 106 -22.53 14.97 11.49
N ALA B 107 -21.73 15.27 12.52
CA ALA B 107 -20.38 15.81 12.31
C ALA B 107 -19.43 14.71 11.87
N LEU B 108 -19.63 13.52 12.43
CA LEU B 108 -18.86 12.32 12.08
C LEU B 108 -19.04 12.07 10.59
N HIS B 109 -20.30 12.03 10.16
CA HIS B 109 -20.63 11.85 8.75
C HIS B 109 -19.94 12.91 7.89
N ALA B 110 -20.01 14.17 8.32
CA ALA B 110 -19.45 15.27 7.53
C ALA B 110 -17.92 15.18 7.40
N VAL B 111 -17.27 14.67 8.45
CA VAL B 111 -15.82 14.46 8.41
C VAL B 111 -15.49 13.43 7.33
N GLY B 112 -16.25 12.34 7.29
CA GLY B 112 -16.07 11.32 6.27
C GLY B 112 -16.21 11.91 4.87
N GLN B 113 -17.17 12.84 4.72
CA GLN B 113 -17.39 13.47 3.41
C GLN B 113 -16.17 14.28 2.93
N VAL B 114 -15.47 14.91 3.88
CA VAL B 114 -14.22 15.59 3.56
C VAL B 114 -13.23 14.55 3.01
N PHE B 115 -13.07 13.46 3.76
CA PHE B 115 -12.21 12.37 3.34
C PHE B 115 -12.61 11.89 1.93
N GLU B 116 -13.89 11.70 1.72
CA GLU B 116 -14.36 11.23 0.42
C GLU B 116 -13.96 12.22 -0.71
N ALA B 117 -14.09 13.52 -0.44
CA ALA B 117 -13.67 14.55 -1.40
C ALA B 117 -12.17 14.45 -1.69
N MET B 118 -11.38 14.21 -0.64
CA MET B 118 -9.94 14.09 -0.80
C MET B 118 -9.60 12.88 -1.65
N ILE B 119 -10.35 11.81 -1.44
CA ILE B 119 -10.15 10.60 -2.23
C ILE B 119 -10.51 10.86 -3.70
N ARG B 120 -11.63 11.53 -3.94
CA ARG B 120 -11.97 11.93 -5.31
C ARG B 120 -10.86 12.78 -5.96
N ALA B 121 -10.21 13.64 -5.18
CA ALA B 121 -9.17 14.53 -5.72
C ALA B 121 -7.83 13.81 -5.97
N SER B 122 -7.65 12.69 -5.28
CA SER B 122 -6.37 11.99 -5.26
C SER B 122 -5.90 11.64 -6.65
N GLY B 123 -4.66 12.02 -6.98
CA GLY B 123 -4.09 11.74 -8.28
C GLY B 123 -4.53 12.71 -9.37
N TYR B 124 -5.55 13.51 -9.09
CA TYR B 124 -6.11 14.42 -10.11
C TYR B 124 -5.61 15.87 -9.94
N ILE B 125 -5.83 16.44 -8.77
CA ILE B 125 -5.20 17.72 -8.46
C ILE B 125 -4.25 17.54 -7.29
N PRO B 126 -3.17 18.33 -7.24
CA PRO B 126 -2.25 18.21 -6.10
C PRO B 126 -2.94 18.66 -4.80
N GLN B 127 -2.79 17.86 -3.74
CA GLN B 127 -3.31 18.26 -2.43
C GLN B 127 -2.17 18.49 -1.46
N ILE B 128 -2.07 19.69 -0.89
CA ILE B 128 -1.02 20.02 0.05
C ILE B 128 -1.59 20.42 1.42
N SER B 129 -1.12 19.78 2.49
CA SER B 129 -1.62 20.15 3.83
C SER B 129 -0.52 20.90 4.57
N VAL B 130 -0.89 21.96 5.27
CA VAL B 130 0.05 22.70 6.11
C VAL B 130 -0.51 22.69 7.53
N VAL B 131 0.02 21.82 8.39
CA VAL B 131 -0.39 21.75 9.79
C VAL B 131 0.34 22.82 10.60
N VAL B 132 -0.41 23.79 11.12
CA VAL B 132 0.20 24.93 11.80
C VAL B 132 -0.09 24.98 13.30
N GLY B 133 -1.13 24.29 13.74
CA GLY B 133 -1.45 24.30 15.15
C GLY B 133 -1.70 22.90 15.71
N PHE B 134 -2.59 22.83 16.69
CA PHE B 134 -3.02 21.55 17.24
C PHE B 134 -3.88 20.83 16.21
N ALA B 135 -3.64 19.52 16.04
CA ALA B 135 -4.44 18.68 15.15
C ALA B 135 -4.84 17.40 15.86
N ALA B 136 -6.13 17.12 15.91
CA ALA B 136 -6.60 15.85 16.48
C ALA B 136 -7.75 15.30 15.65
N GLY B 137 -8.04 14.01 15.85
CA GLY B 137 -9.18 13.38 15.21
C GLY B 137 -9.15 13.51 13.69
N GLY B 138 -10.29 13.90 13.13
CA GLY B 138 -10.39 14.12 11.71
C GLY B 138 -9.40 15.15 11.19
N ALA B 139 -8.98 16.07 12.06
CA ALA B 139 -8.06 17.12 11.65
C ALA B 139 -6.61 16.67 11.52
N ALA B 140 -6.23 15.63 12.26
CA ALA B 140 -4.90 15.05 12.08
C ALA B 140 -4.95 14.13 10.88
N TYR B 141 -6.06 13.42 10.76
CA TYR B 141 -6.18 12.40 9.73
C TYR B 141 -6.35 12.92 8.30
N GLY B 142 -7.11 14.00 8.12
CA GLY B 142 -7.29 14.57 6.80
C GLY B 142 -5.98 14.78 6.03
N PRO B 143 -4.99 15.46 6.65
CA PRO B 143 -3.69 15.62 5.99
C PRO B 143 -3.10 14.28 5.52
N ALA B 144 -3.29 13.23 6.32
CA ALA B 144 -2.77 11.90 5.95
C ALA B 144 -3.32 11.43 4.62
N LEU B 145 -4.45 11.99 4.18
CA LEU B 145 -5.02 11.61 2.87
C LEU B 145 -4.47 12.46 1.72
N THR B 146 -3.72 13.51 2.05
CA THR B 146 -3.20 14.40 1.00
C THR B 146 -1.82 13.96 0.48
N ASP B 147 -1.29 14.66 -0.51
CA ASP B 147 -0.06 14.24 -1.17
C ASP B 147 1.20 14.62 -0.38
N VAL B 148 1.23 15.84 0.12
CA VAL B 148 2.41 16.35 0.81
C VAL B 148 2.00 17.13 2.07
N VAL B 149 2.52 16.72 3.21
CA VAL B 149 2.21 17.38 4.47
C VAL B 149 3.41 18.17 4.99
N VAL B 150 3.23 19.48 5.12
CA VAL B 150 4.21 20.38 5.72
C VAL B 150 3.80 20.68 7.16
N MET B 151 4.72 20.52 8.11
CA MET B 151 4.38 20.76 9.52
C MET B 151 5.14 21.92 10.13
N ALA B 152 4.43 22.89 10.70
CA ALA B 152 5.11 23.96 11.44
C ALA B 152 5.60 23.36 12.75
N PRO B 153 6.74 23.86 13.27
CA PRO B 153 7.32 23.27 14.47
C PRO B 153 6.45 23.42 15.71
N GLU B 154 5.55 24.40 15.74
CA GLU B 154 4.66 24.57 16.89
C GLU B 154 3.37 23.79 16.71
N SER B 155 3.20 23.15 15.56
CA SER B 155 2.03 22.29 15.39
C SER B 155 2.18 21.12 16.36
N ARG B 156 1.05 20.55 16.81
CA ARG B 156 1.07 19.40 17.71
C ARG B 156 -0.03 18.42 17.32
N VAL B 157 0.33 17.16 17.13
CA VAL B 157 -0.69 16.18 16.80
C VAL B 157 -1.07 15.27 17.98
N PHE B 158 -2.37 15.18 18.26
CA PHE B 158 -2.86 14.24 19.25
C PHE B 158 -3.60 13.07 18.59
N VAL B 159 -3.09 11.85 18.77
CA VAL B 159 -3.77 10.64 18.30
C VAL B 159 -4.00 9.66 19.45
N THR B 160 -5.18 9.05 19.52
CA THR B 160 -5.47 8.13 20.62
C THR B 160 -6.32 6.92 20.21
N GLY B 161 -6.13 5.81 20.95
CA GLY B 161 -6.99 4.64 20.82
C GLY B 161 -8.25 4.80 21.67
N PRO B 162 -9.08 3.75 21.73
CA PRO B 162 -10.37 3.81 22.42
C PRO B 162 -10.28 3.75 23.95
N MET B 175 -1.75 3.23 24.27
CA MET B 175 -2.08 4.45 25.00
C MET B 175 -2.50 5.56 24.04
N ALA B 176 -1.72 6.63 24.03
CA ALA B 176 -1.99 7.78 23.16
C ALA B 176 -0.69 8.51 22.88
N SER B 177 -0.72 9.41 21.92
CA SER B 177 0.49 10.14 21.52
C SER B 177 0.19 11.62 21.32
N LEU B 178 1.02 12.47 21.93
CA LEU B 178 0.89 13.92 21.81
C LEU B 178 2.28 14.48 21.54
N GLY B 179 2.54 14.88 20.30
CA GLY B 179 3.85 15.39 19.93
C GLY B 179 3.84 16.47 18.86
N GLY B 180 5.01 17.05 18.62
CA GLY B 180 5.19 17.97 17.51
C GLY B 180 6.01 17.31 16.42
N PRO B 181 6.36 18.08 15.38
CA PRO B 181 7.10 17.54 14.22
C PRO B 181 8.51 17.05 14.61
N GLU B 182 9.21 17.83 15.43
CA GLU B 182 10.60 17.54 15.77
C GLU B 182 10.79 16.32 16.67
N THR B 183 9.77 15.99 17.46
CA THR B 183 9.88 14.92 18.45
C THR B 183 9.19 13.61 18.06
N HIS B 184 8.22 13.70 17.16
CA HIS B 184 7.40 12.55 16.79
C HIS B 184 7.33 12.30 15.28
N HIS B 185 6.74 13.25 14.56
CA HIS B 185 6.17 12.96 13.25
C HIS B 185 7.13 12.96 12.05
N LYS B 186 8.20 13.76 12.12
CA LYS B 186 9.21 13.72 11.06
C LYS B 186 9.78 12.31 10.91
N LYS B 187 9.75 11.54 12.01
CA LYS B 187 10.32 10.21 12.02
C LYS B 187 9.30 9.09 11.74
N SER B 188 8.05 9.46 11.45
CA SER B 188 6.98 8.47 11.24
C SER B 188 6.41 8.39 9.83
N GLY B 189 6.90 9.22 8.91
CA GLY B 189 6.56 9.06 7.50
C GLY B 189 5.23 9.67 7.05
N VAL B 190 4.52 10.30 7.97
CA VAL B 190 3.25 10.94 7.62
C VAL B 190 3.55 12.39 7.28
N CYS B 191 4.48 12.96 8.02
CA CYS B 191 4.96 14.31 7.75
C CYS B 191 6.08 14.28 6.71
N HIS B 192 5.89 14.99 5.61
CA HIS B 192 6.91 15.03 4.57
C HIS B 192 7.97 16.07 4.82
N ILE B 193 7.55 17.21 5.34
CA ILE B 193 8.44 18.35 5.46
C ILE B 193 8.19 19.10 6.77
N VAL B 194 9.25 19.34 7.53
CA VAL B 194 9.15 20.10 8.76
C VAL B 194 9.76 21.45 8.48
N ALA B 195 9.01 22.52 8.76
CA ALA B 195 9.48 23.87 8.46
C ALA B 195 10.10 24.52 9.68
N ASP B 196 10.68 25.70 9.47
CA ASP B 196 11.35 26.44 10.54
C ASP B 196 10.36 27.18 11.43
N ASP B 197 9.31 27.72 10.81
CA ASP B 197 8.25 28.43 11.51
C ASP B 197 6.97 28.42 10.66
N GLU B 198 5.92 29.05 11.17
CA GLU B 198 4.64 29.05 10.45
C GLU B 198 4.79 29.69 9.07
N LEU B 199 5.36 30.89 9.04
CA LEU B 199 5.56 31.63 7.78
C LEU B 199 6.41 30.82 6.80
N ASP B 200 7.44 30.16 7.32
CA ASP B 200 8.28 29.31 6.49
C ASP B 200 7.45 28.13 5.97
N ALA B 201 6.47 27.68 6.77
CA ALA B 201 5.63 26.54 6.35
C ALA B 201 4.83 26.91 5.08
N TYR B 202 4.19 28.08 5.12
CA TYR B 202 3.46 28.62 3.97
C TYR B 202 4.39 28.77 2.76
N ASP B 203 5.61 29.23 3.00
CA ASP B 203 6.58 29.35 1.92
CA ASP B 203 6.62 29.35 1.95
C ASP B 203 6.94 28.01 1.31
N ARG B 204 7.07 26.96 2.13
CA ARG B 204 7.33 25.62 1.59
C ARG B 204 6.11 25.18 0.81
N GLY B 205 4.92 25.45 1.39
CA GLY B 205 3.67 25.14 0.72
C GLY B 205 3.65 25.79 -0.65
N ARG B 206 3.91 27.09 -0.68
CA ARG B 206 3.92 27.83 -1.94
C ARG B 206 4.87 27.23 -2.95
N ARG B 207 6.04 26.83 -2.49
CA ARG B 207 7.06 26.32 -3.40
C ARG B 207 6.58 24.97 -3.98
N LEU B 208 5.91 24.19 -3.14
CA LEU B 208 5.35 22.90 -3.54
C LEU B 208 4.30 23.08 -4.65
N VAL B 209 3.50 24.13 -4.55
CA VAL B 209 2.54 24.44 -5.60
C VAL B 209 3.29 24.67 -6.91
N GLY B 210 4.33 25.49 -6.87
CA GLY B 210 5.14 25.79 -8.04
C GLY B 210 5.79 24.54 -8.61
N LEU B 211 6.18 23.61 -7.75
CA LEU B 211 6.84 22.39 -8.22
C LEU B 211 5.84 21.51 -9.00
N PHE B 212 4.61 21.47 -8.52
CA PHE B 212 3.57 20.70 -9.18
C PHE B 212 2.94 21.43 -10.38
N CYS B 213 2.83 22.75 -10.30
CA CYS B 213 2.04 23.49 -11.29
C CYS B 213 2.85 24.43 -12.20
N GLN B 214 4.16 24.47 -11.99
CA GLN B 214 5.06 25.17 -12.89
C GLN B 214 6.28 24.26 -13.08
N GLN B 215 6.03 23.13 -13.71
CA GLN B 215 7.06 22.10 -13.90
C GLN B 215 8.19 22.55 -14.82
N GLY B 216 7.93 23.56 -15.65
CA GLY B 216 8.95 24.07 -16.55
C GLY B 216 9.39 23.04 -17.58
N HIS B 217 10.60 23.23 -18.13
CA HIS B 217 11.08 22.42 -19.25
C HIS B 217 12.57 22.17 -19.09
N PHE B 218 13.05 21.08 -19.68
CA PHE B 218 14.48 20.77 -19.66
C PHE B 218 15.29 21.73 -20.51
N ASP B 219 16.50 22.06 -20.04
CA ASP B 219 17.43 22.91 -20.78
C ASP B 219 18.81 22.22 -20.88
N ARG B 220 19.25 21.90 -22.09
CA ARG B 220 20.46 21.11 -22.25
C ARG B 220 21.75 21.88 -21.88
N SER B 221 21.76 23.17 -22.22
CA SER B 221 22.89 24.07 -21.93
C SER B 221 23.02 24.35 -20.44
N LYS B 222 21.90 24.62 -19.78
CA LYS B 222 21.88 24.88 -18.35
C LYS B 222 22.36 23.62 -17.61
N ALA B 223 21.98 22.46 -18.14
CA ALA B 223 22.37 21.19 -17.54
C ALA B 223 23.89 21.02 -17.59
N GLU B 224 24.45 21.14 -18.80
CA GLU B 224 25.89 21.01 -19.02
C GLU B 224 26.72 21.93 -18.13
N ALA B 225 26.35 23.21 -18.07
CA ALA B 225 27.11 24.20 -17.30
C ALA B 225 27.18 23.83 -15.81
N GLY B 226 26.24 23.01 -15.35
CA GLY B 226 26.22 22.58 -13.96
C GLY B 226 26.85 21.21 -13.73
N ASP B 227 27.47 20.62 -14.77
CA ASP B 227 28.14 19.32 -14.63
C ASP B 227 29.35 19.40 -13.70
N THR B 228 29.53 18.39 -12.86
CA THR B 228 30.74 18.25 -12.03
C THR B 228 31.11 16.77 -11.99
N ASP B 229 32.31 16.45 -11.52
CA ASP B 229 32.67 15.05 -11.35
C ASP B 229 31.99 14.48 -10.11
N ILE B 230 30.75 14.02 -10.28
CA ILE B 230 29.96 13.54 -9.15
C ILE B 230 30.55 12.27 -8.55
N HIS B 231 31.33 11.55 -9.36
CA HIS B 231 32.03 10.35 -8.89
C HIS B 231 32.97 10.68 -7.72
N ALA B 232 33.52 11.89 -7.71
CA ALA B 232 34.41 12.33 -6.64
C ALA B 232 33.75 12.29 -5.27
N LEU B 233 32.41 12.30 -5.27
CA LEU B 233 31.66 12.23 -4.01
C LEU B 233 31.55 10.80 -3.51
N LEU B 234 32.10 9.85 -4.26
CA LEU B 234 32.13 8.46 -3.81
C LEU B 234 33.40 8.21 -2.99
N PRO B 235 33.31 7.30 -2.00
CA PRO B 235 34.52 6.86 -1.27
C PRO B 235 35.45 6.12 -2.23
N GLU B 236 36.76 6.19 -2.01
CA GLU B 236 37.72 5.45 -2.84
C GLU B 236 37.42 3.94 -2.83
N SER B 237 37.02 3.43 -1.65
CA SER B 237 36.69 2.03 -1.48
C SER B 237 35.20 1.74 -1.59
N SER B 238 34.84 0.75 -2.40
CA SER B 238 33.44 0.36 -2.57
C SER B 238 32.84 -0.35 -1.37
N ARG B 239 33.67 -0.73 -0.39
CA ARG B 239 33.15 -1.39 0.81
C ARG B 239 32.61 -0.38 1.82
N ARG B 240 32.92 0.89 1.60
CA ARG B 240 32.67 1.90 2.62
C ARG B 240 31.43 2.78 2.38
N ALA B 241 30.68 3.02 3.45
CA ALA B 241 29.50 3.89 3.41
C ALA B 241 29.83 5.33 2.96
N TYR B 242 28.79 6.06 2.56
CA TYR B 242 28.86 7.49 2.21
C TYR B 242 27.44 8.02 2.22
N ASP B 243 27.30 9.34 2.23
CA ASP B 243 25.99 9.98 2.12
C ASP B 243 25.66 10.29 0.65
N VAL B 244 24.55 9.76 0.15
CA VAL B 244 24.11 10.03 -1.24
C VAL B 244 23.56 11.46 -1.46
N ARG B 245 23.13 12.12 -0.39
CA ARG B 245 22.53 13.46 -0.54
C ARG B 245 23.37 14.52 -1.31
N PRO B 246 24.70 14.58 -1.06
CA PRO B 246 25.54 15.45 -1.91
C PRO B 246 25.49 15.05 -3.39
N ILE B 247 25.37 13.76 -3.67
CA ILE B 247 25.28 13.33 -5.08
C ILE B 247 23.98 13.85 -5.72
N VAL B 248 22.87 13.74 -4.99
CA VAL B 248 21.59 14.28 -5.43
C VAL B 248 21.72 15.79 -5.66
N THR B 249 22.29 16.45 -4.65
CA THR B 249 22.56 17.87 -4.72
C THR B 249 23.45 18.21 -5.91
N ALA B 250 24.44 17.38 -6.19
CA ALA B 250 25.30 17.60 -7.35
C ALA B 250 24.49 17.55 -8.67
N ILE B 251 23.56 16.61 -8.74
CA ILE B 251 22.75 16.41 -9.95
C ILE B 251 21.79 17.59 -10.19
N LEU B 252 21.10 18.01 -9.15
CA LEU B 252 20.08 19.06 -9.28
C LEU B 252 20.67 20.46 -9.42
N ASP B 253 19.82 21.40 -9.83
CA ASP B 253 20.23 22.79 -10.00
C ASP B 253 20.83 23.37 -8.71
N ALA B 254 22.02 23.93 -8.85
CA ALA B 254 22.90 24.22 -7.72
C ALA B 254 22.35 25.28 -6.76
N ASP B 255 21.46 26.12 -7.24
CA ASP B 255 20.92 27.17 -6.39
C ASP B 255 19.41 27.09 -6.30
N THR B 256 18.95 25.85 -6.10
CA THR B 256 17.54 25.54 -5.99
C THR B 256 17.40 24.49 -4.89
N PRO B 257 16.45 24.69 -3.98
CA PRO B 257 16.25 23.74 -2.87
C PRO B 257 15.89 22.36 -3.40
N PHE B 258 16.45 21.34 -2.76
CA PHE B 258 15.96 19.99 -2.96
C PHE B 258 14.95 19.72 -1.87
N ASP B 259 13.68 19.63 -2.22
CA ASP B 259 12.65 19.45 -1.19
C ASP B 259 12.50 17.98 -0.86
N GLU B 260 13.40 17.51 0.01
CA GLU B 260 13.39 16.12 0.45
C GLU B 260 12.15 15.80 1.27
N PHE B 261 11.55 14.65 1.00
CA PHE B 261 10.39 14.19 1.77
C PHE B 261 10.84 13.19 2.82
N GLN B 262 10.35 13.33 4.04
CA GLN B 262 10.49 12.26 5.03
C GLN B 262 11.96 11.89 5.31
N ALA B 263 12.81 12.91 5.40
CA ALA B 263 14.26 12.72 5.48
C ALA B 263 14.64 11.81 6.64
N ASN B 264 13.83 11.82 7.71
CA ASN B 264 14.13 11.04 8.91
C ASN B 264 13.34 9.75 9.02
N TRP B 265 12.49 9.47 8.03
CA TRP B 265 11.76 8.21 8.01
C TRP B 265 12.33 7.36 6.89
N ALA B 266 12.62 6.09 7.18
CA ALA B 266 13.20 5.18 6.18
C ALA B 266 14.43 5.80 5.53
N PRO B 267 15.47 6.07 6.32
CA PRO B 267 16.54 6.92 5.78
C PRO B 267 17.51 6.17 4.89
N SER B 268 17.32 4.88 4.66
CA SER B 268 18.12 4.15 3.67
C SER B 268 17.68 4.55 2.26
N MET B 269 16.58 5.30 2.18
CA MET B 269 16.03 5.77 0.90
C MET B 269 15.82 7.28 0.97
N VAL B 270 16.36 8.00 -0.01
CA VAL B 270 16.15 9.44 -0.10
C VAL B 270 15.18 9.68 -1.25
N VAL B 271 14.08 10.39 -0.99
CA VAL B 271 13.23 10.83 -2.09
C VAL B 271 12.88 12.29 -1.90
N GLY B 272 12.63 12.98 -3.01
CA GLY B 272 12.08 14.32 -2.95
C GLY B 272 12.00 14.98 -4.31
N LEU B 273 11.57 16.24 -4.31
CA LEU B 273 11.35 17.01 -5.52
C LEU B 273 12.40 18.11 -5.63
N GLY B 274 12.78 18.43 -6.87
CA GLY B 274 13.69 19.51 -7.15
C GLY B 274 13.60 19.86 -8.63
N ARG B 275 14.60 20.61 -9.11
CA ARG B 275 14.60 21.03 -10.50
C ARG B 275 15.90 20.63 -11.18
N LEU B 276 15.77 20.17 -12.42
CA LEU B 276 16.90 19.73 -13.22
C LEU B 276 16.88 20.57 -14.48
N SER B 277 17.84 21.49 -14.59
CA SER B 277 17.81 22.55 -15.59
C SER B 277 16.44 23.24 -15.62
N GLY B 278 15.91 23.56 -14.45
CA GLY B 278 14.68 24.32 -14.34
C GLY B 278 13.42 23.47 -14.31
N ARG B 279 13.57 22.18 -14.63
CA ARG B 279 12.43 21.29 -14.79
C ARG B 279 12.19 20.50 -13.51
N THR B 280 10.95 20.53 -13.00
CA THR B 280 10.61 19.73 -11.83
C THR B 280 10.88 18.25 -12.08
N VAL B 281 11.68 17.64 -11.23
CA VAL B 281 11.92 16.20 -11.31
C VAL B 281 11.80 15.61 -9.94
N GLY B 282 11.53 14.31 -9.89
CA GLY B 282 11.55 13.58 -8.65
C GLY B 282 12.82 12.75 -8.59
N VAL B 283 13.44 12.71 -7.41
CA VAL B 283 14.60 11.86 -7.22
C VAL B 283 14.33 10.76 -6.20
N LEU B 284 14.75 9.54 -6.55
CA LEU B 284 14.81 8.43 -5.60
C LEU B 284 16.24 7.95 -5.60
N ALA B 285 16.81 7.79 -4.40
CA ALA B 285 18.21 7.40 -4.29
C ALA B 285 18.44 6.52 -3.07
N ASN B 286 18.96 5.30 -3.27
CA ASN B 286 19.41 4.52 -2.12
C ASN B 286 20.48 5.29 -1.36
N ASN B 287 20.42 5.30 -0.02
CA ASN B 287 21.43 5.99 0.78
C ASN B 287 22.24 5.05 1.67
N PRO B 288 23.45 4.69 1.19
CA PRO B 288 24.36 3.76 1.87
C PRO B 288 24.78 4.28 3.24
N LEU B 289 24.41 5.51 3.58
CA LEU B 289 24.63 6.05 4.91
C LEU B 289 23.90 5.20 5.95
N ARG B 290 22.80 4.56 5.55
CA ARG B 290 21.98 3.80 6.51
C ARG B 290 21.66 2.42 5.96
N LEU B 291 21.83 1.41 6.82
CA LEU B 291 21.52 0.02 6.48
C LEU B 291 22.21 -0.41 5.20
N GLY B 292 23.40 0.16 4.95
CA GLY B 292 24.12 -0.11 3.72
C GLY B 292 23.39 0.31 2.44
N GLY B 293 22.32 1.09 2.57
CA GLY B 293 21.57 1.52 1.39
C GLY B 293 20.54 0.47 0.97
N CYS B 294 20.43 -0.59 1.75
CA CYS B 294 19.47 -1.67 1.50
C CYS B 294 18.01 -1.23 1.49
N LEU B 295 17.21 -1.89 0.65
CA LEU B 295 15.76 -1.77 0.74
C LEU B 295 15.26 -2.51 1.98
N ASN B 296 14.13 -2.06 2.52
CA ASN B 296 13.47 -2.74 3.62
C ASN B 296 12.03 -2.29 3.61
N SER B 297 11.25 -2.72 4.60
CA SER B 297 9.83 -2.43 4.65
C SER B 297 9.48 -0.95 4.39
N GLU B 298 10.03 -0.06 5.21
CA GLU B 298 9.63 1.32 5.14
C GLU B 298 10.28 2.06 3.99
N SER B 299 11.50 1.68 3.58
CA SER B 299 12.09 2.37 2.44
C SER B 299 11.39 1.97 1.14
N ALA B 300 10.90 0.72 1.06
CA ALA B 300 10.11 0.28 -0.11
C ALA B 300 8.80 1.07 -0.18
N GLU B 301 8.18 1.23 0.99
CA GLU B 301 6.93 1.98 1.07
C GLU B 301 7.17 3.46 0.73
N LYS B 302 8.27 4.01 1.23
CA LYS B 302 8.58 5.42 0.97
C LYS B 302 8.82 5.65 -0.54
N ALA B 303 9.46 4.70 -1.21
CA ALA B 303 9.73 4.88 -2.64
C ALA B 303 8.43 4.71 -3.43
N ALA B 304 7.67 3.66 -3.10
CA ALA B 304 6.46 3.31 -3.85
C ALA B 304 5.46 4.47 -3.88
N ARG B 305 5.19 5.07 -2.71
CA ARG B 305 4.27 6.22 -2.66
C ARG B 305 4.80 7.35 -3.51
N PHE B 306 6.11 7.60 -3.39
CA PHE B 306 6.72 8.72 -4.09
C PHE B 306 6.66 8.52 -5.62
N VAL B 307 6.87 7.29 -6.08
CA VAL B 307 6.79 7.00 -7.50
C VAL B 307 5.36 7.21 -8.01
N ARG B 308 4.39 6.73 -7.23
CA ARG B 308 2.99 6.93 -7.57
C ARG B 308 2.68 8.43 -7.65
N LEU B 309 3.21 9.20 -6.70
CA LEU B 309 2.91 10.65 -6.67
C LEU B 309 3.43 11.35 -7.92
N CYS B 310 4.67 11.03 -8.32
CA CYS B 310 5.25 11.66 -9.51
C CYS B 310 4.59 11.19 -10.80
N ASP B 311 4.24 9.92 -10.83
CA ASP B 311 3.55 9.35 -11.98
C ASP B 311 2.21 10.05 -12.16
N ALA B 312 1.51 10.25 -11.04
CA ALA B 312 0.19 10.88 -11.03
C ALA B 312 0.20 12.25 -11.70
N PHE B 313 1.27 13.03 -11.46
CA PHE B 313 1.28 14.42 -11.94
C PHE B 313 2.26 14.76 -13.05
N GLY B 314 2.72 13.75 -13.80
CA GLY B 314 3.57 14.02 -14.95
C GLY B 314 5.02 14.37 -14.62
N ILE B 315 5.43 14.12 -13.38
CA ILE B 315 6.80 14.46 -12.95
C ILE B 315 7.80 13.34 -13.27
N PRO B 316 8.80 13.62 -14.15
CA PRO B 316 9.78 12.56 -14.48
C PRO B 316 10.72 12.27 -13.30
N LEU B 317 11.29 11.06 -13.31
CA LEU B 317 12.02 10.52 -12.16
C LEU B 317 13.50 10.25 -12.48
N VAL B 318 14.38 10.63 -11.56
CA VAL B 318 15.79 10.23 -11.62
C VAL B 318 16.00 9.21 -10.50
N VAL B 319 16.48 8.02 -10.87
CA VAL B 319 16.65 6.93 -9.91
C VAL B 319 18.15 6.59 -9.76
N VAL B 320 18.71 6.95 -8.61
CA VAL B 320 20.14 6.79 -8.35
C VAL B 320 20.29 5.53 -7.51
N VAL B 321 20.85 4.49 -8.13
CA VAL B 321 20.82 3.17 -7.54
C VAL B 321 22.18 2.72 -7.00
N ASP B 322 22.21 2.34 -5.72
CA ASP B 322 23.37 1.73 -5.11
C ASP B 322 22.84 0.85 -4.01
N VAL B 323 22.32 -0.31 -4.38
CA VAL B 323 21.57 -1.14 -3.46
C VAL B 323 22.07 -2.59 -3.46
N PRO B 324 22.55 -3.08 -2.30
CA PRO B 324 23.13 -4.41 -2.17
C PRO B 324 22.11 -5.52 -1.94
N GLY B 325 20.89 -5.18 -1.57
CA GLY B 325 19.89 -6.19 -1.22
C GLY B 325 18.78 -5.59 -0.40
N TYR B 326 18.05 -6.43 0.35
CA TYR B 326 16.93 -5.94 1.16
C TYR B 326 16.99 -6.56 2.57
N LEU B 327 16.35 -5.92 3.54
CA LEU B 327 16.47 -6.32 4.94
C LEU B 327 15.11 -6.57 5.60
N PRO B 328 15.07 -7.57 6.49
CA PRO B 328 13.81 -7.84 7.21
C PRO B 328 13.58 -6.78 8.25
N GLY B 329 12.49 -6.95 8.99
CA GLY B 329 12.09 -5.99 10.01
C GLY B 329 12.73 -6.17 11.37
N VAL B 330 11.99 -6.73 12.31
CA VAL B 330 12.19 -6.36 13.70
C VAL B 330 13.48 -6.75 14.48
N ASP B 331 13.75 -7.96 14.98
CA ASP B 331 13.02 -9.25 14.93
C ASP B 331 12.95 -10.06 13.62
N GLN B 332 13.62 -9.57 12.58
CA GLN B 332 13.81 -10.34 11.35
C GLN B 332 12.47 -10.81 10.75
N GLU B 333 11.47 -9.94 10.84
CA GLU B 333 10.18 -10.18 10.21
C GLU B 333 10.29 -9.81 8.72
N TRP B 334 9.86 -10.70 7.85
CA TRP B 334 9.97 -10.49 6.40
C TRP B 334 8.68 -9.96 5.74
N GLY B 335 7.55 -10.12 6.43
CA GLY B 335 6.26 -9.77 5.86
C GLY B 335 6.24 -8.38 5.26
N GLY B 336 6.78 -7.40 5.98
CA GLY B 336 6.68 -6.01 5.55
C GLY B 336 7.39 -5.73 4.25
N VAL B 337 8.66 -6.13 4.19
CA VAL B 337 9.46 -5.82 3.03
C VAL B 337 8.95 -6.60 1.79
N VAL B 338 8.42 -7.80 2.03
CA VAL B 338 7.82 -8.58 0.92
C VAL B 338 6.60 -7.88 0.31
N ARG B 339 5.74 -7.36 1.19
CA ARG B 339 4.53 -6.69 0.74
C ARG B 339 4.79 -5.28 0.22
N ARG B 340 5.64 -4.52 0.91
CA ARG B 340 5.91 -3.16 0.46
C ARG B 340 6.73 -3.22 -0.83
N GLY B 341 7.65 -4.19 -0.88
CA GLY B 341 8.44 -4.44 -2.07
C GLY B 341 7.54 -4.63 -3.29
N ALA B 342 6.44 -5.37 -3.10
CA ALA B 342 5.53 -5.66 -4.21
C ALA B 342 4.94 -4.35 -4.72
N LYS B 343 4.56 -3.50 -3.76
CA LYS B 343 4.07 -2.17 -4.08
C LYS B 343 5.08 -1.39 -4.89
N LEU B 344 6.36 -1.52 -4.51
CA LEU B 344 7.41 -0.80 -5.21
C LEU B 344 7.52 -1.32 -6.64
N LEU B 345 7.53 -2.64 -6.80
CA LEU B 345 7.52 -3.26 -8.12
C LEU B 345 6.32 -2.82 -8.98
N HIS B 346 5.11 -2.89 -8.41
CA HIS B 346 3.92 -2.40 -9.12
C HIS B 346 4.06 -0.95 -9.55
N ALA B 347 4.50 -0.10 -8.63
CA ALA B 347 4.63 1.33 -8.89
C ALA B 347 5.55 1.61 -10.11
N PHE B 348 6.72 0.99 -10.14
CA PHE B 348 7.61 1.19 -11.27
C PHE B 348 7.08 0.49 -12.52
N GLY B 349 6.52 -0.70 -12.33
CA GLY B 349 6.03 -1.48 -13.46
C GLY B 349 4.96 -0.72 -14.21
N GLU B 350 4.10 -0.03 -13.48
CA GLU B 350 2.99 0.69 -14.07
C GLU B 350 3.31 2.14 -14.45
N CYS B 351 4.46 2.63 -14.00
CA CYS B 351 4.80 4.05 -14.18
C CYS B 351 4.91 4.39 -15.69
N THR B 352 4.38 5.55 -16.06
CA THR B 352 4.41 5.98 -17.46
C THR B 352 5.12 7.31 -17.71
N VAL B 353 5.44 8.04 -16.64
CA VAL B 353 6.32 9.20 -16.79
C VAL B 353 7.76 8.71 -17.01
N PRO B 354 8.61 9.53 -17.63
CA PRO B 354 9.98 9.02 -17.83
C PRO B 354 10.65 8.73 -16.49
N ARG B 355 11.45 7.67 -16.47
CA ARG B 355 12.16 7.28 -15.26
C ARG B 355 13.51 6.73 -15.67
N VAL B 356 14.57 7.44 -15.29
CA VAL B 356 15.90 7.06 -15.73
C VAL B 356 16.69 6.56 -14.54
N THR B 357 17.34 5.42 -14.71
CA THR B 357 18.17 4.87 -13.63
C THR B 357 19.64 5.21 -13.84
N LEU B 358 20.33 5.53 -12.75
CA LEU B 358 21.78 5.65 -12.77
C LEU B 358 22.36 4.71 -11.71
N VAL B 359 23.07 3.68 -12.15
CA VAL B 359 23.74 2.78 -11.23
C VAL B 359 25.13 3.34 -10.93
N THR B 360 25.36 3.69 -9.67
CA THR B 360 26.60 4.35 -9.28
C THR B 360 27.67 3.34 -8.87
N ARG B 361 27.32 2.44 -7.96
CA ARG B 361 28.30 1.44 -7.50
C ARG B 361 27.82 0.02 -7.76
N LYS B 362 26.87 -0.46 -6.96
CA LYS B 362 26.39 -1.82 -7.19
C LYS B 362 24.87 -1.95 -7.07
N THR B 363 24.32 -2.90 -7.81
CA THR B 363 22.93 -3.25 -7.68
C THR B 363 22.80 -4.77 -7.87
N TYR B 364 22.19 -5.44 -6.90
CA TYR B 364 22.15 -6.90 -6.88
C TYR B 364 20.72 -7.46 -6.81
N GLY B 365 20.46 -8.54 -7.54
CA GLY B 365 19.28 -9.36 -7.33
C GLY B 365 17.91 -8.70 -7.38
N GLY B 366 17.00 -9.19 -6.53
CA GLY B 366 15.62 -8.70 -6.51
C GLY B 366 15.58 -7.20 -6.28
N ALA B 367 16.43 -6.72 -5.37
CA ALA B 367 16.57 -5.29 -5.15
C ALA B 367 16.89 -4.57 -6.47
N TYR B 368 17.79 -5.16 -7.25
CA TYR B 368 18.10 -4.56 -8.54
C TYR B 368 16.84 -4.49 -9.41
N ILE B 369 16.04 -5.55 -9.36
CA ILE B 369 14.83 -5.57 -10.17
C ILE B 369 13.90 -4.43 -9.74
N ALA B 370 13.70 -4.28 -8.42
CA ALA B 370 12.78 -3.27 -7.90
C ALA B 370 13.21 -1.85 -8.26
N MET B 371 14.51 -1.58 -8.29
CA MET B 371 14.97 -0.21 -8.44
C MET B 371 14.98 0.20 -9.92
N ASN B 372 13.78 0.35 -10.48
CA ASN B 372 13.58 0.79 -11.86
C ASN B 372 14.47 0.05 -12.85
N SER B 373 14.34 -1.27 -12.90
CA SER B 373 15.12 -2.08 -13.84
C SER B 373 14.48 -2.05 -15.22
N ARG B 374 15.27 -2.37 -16.23
CA ARG B 374 14.77 -2.50 -17.59
C ARG B 374 13.57 -3.45 -17.67
N SER B 375 13.64 -4.57 -16.95
CA SER B 375 12.52 -5.52 -16.93
C SER B 375 11.21 -4.86 -16.46
N LEU B 376 11.32 -3.78 -15.69
CA LEU B 376 10.12 -3.01 -15.33
C LEU B 376 9.91 -1.77 -16.21
N ASN B 377 10.40 -1.83 -17.46
CA ASN B 377 10.19 -0.76 -18.45
C ASN B 377 10.88 0.57 -18.15
N ALA B 378 12.02 0.52 -17.46
CA ALA B 378 12.83 1.72 -17.27
C ALA B 378 13.04 2.42 -18.61
N THR B 379 12.97 3.74 -18.60
CA THR B 379 13.11 4.55 -19.81
C THR B 379 14.52 4.41 -20.35
N LYS B 380 15.48 4.49 -19.44
CA LYS B 380 16.91 4.46 -19.78
CA LYS B 380 16.88 4.38 -19.78
C LYS B 380 17.68 4.08 -18.53
N VAL B 381 18.65 3.20 -18.67
CA VAL B 381 19.51 2.81 -17.56
C VAL B 381 20.96 3.19 -17.87
N PHE B 382 21.53 4.07 -17.05
CA PHE B 382 22.93 4.46 -17.21
C PHE B 382 23.73 3.79 -16.09
N ALA B 383 25.04 3.65 -16.29
CA ALA B 383 25.93 3.16 -15.22
C ALA B 383 27.25 3.90 -15.24
N TRP B 384 27.86 4.06 -14.06
CA TRP B 384 29.22 4.59 -14.01
C TRP B 384 30.19 3.46 -14.34
N PRO B 385 31.40 3.80 -14.83
CA PRO B 385 32.29 2.78 -15.39
C PRO B 385 32.57 1.61 -14.44
N ASP B 386 32.68 1.87 -13.13
CA ASP B 386 33.03 0.81 -12.19
C ASP B 386 31.81 0.21 -11.50
N ALA B 387 30.63 0.49 -12.05
CA ALA B 387 29.41 -0.05 -11.47
C ALA B 387 29.32 -1.56 -11.69
N GLU B 388 28.53 -2.21 -10.84
CA GLU B 388 28.27 -3.62 -11.05
CA GLU B 388 28.30 -3.64 -10.95
C GLU B 388 26.81 -3.96 -10.90
N VAL B 389 26.33 -4.74 -11.86
CA VAL B 389 24.96 -5.19 -11.89
C VAL B 389 25.06 -6.72 -11.93
N ALA B 390 24.50 -7.40 -10.95
CA ALA B 390 24.68 -8.85 -10.82
C ALA B 390 23.56 -9.46 -10.01
N VAL B 391 23.39 -10.78 -10.06
CA VAL B 391 22.39 -11.37 -9.17
C VAL B 391 22.85 -11.31 -7.71
N MET B 392 24.17 -11.32 -7.50
CA MET B 392 24.76 -11.14 -6.16
C MET B 392 26.26 -10.85 -6.26
N GLY B 393 26.92 -10.61 -5.13
CA GLY B 393 28.35 -10.34 -5.13
C GLY B 393 29.12 -11.58 -5.60
N ALA B 394 30.30 -11.37 -6.18
CA ALA B 394 31.11 -12.47 -6.67
C ALA B 394 31.34 -13.53 -5.59
N LYS B 395 31.75 -13.10 -4.40
CA LYS B 395 32.11 -14.05 -3.36
C LYS B 395 30.94 -14.95 -3.05
N ALA B 396 29.73 -14.38 -3.04
CA ALA B 396 28.53 -15.14 -2.71
C ALA B 396 28.16 -16.08 -3.83
N ALA B 397 28.25 -15.58 -5.06
CA ALA B 397 27.93 -16.41 -6.22
C ALA B 397 28.85 -17.64 -6.27
N VAL B 398 30.12 -17.41 -5.93
CA VAL B 398 31.14 -18.45 -5.98
C VAL B 398 30.89 -19.46 -4.88
N GLY B 399 30.51 -18.97 -3.69
CA GLY B 399 30.19 -19.84 -2.57
C GLY B 399 29.12 -20.86 -2.94
N ILE B 400 28.24 -20.45 -3.86
CA ILE B 400 27.18 -21.32 -4.37
C ILE B 400 27.62 -22.14 -5.57
N LEU B 401 28.13 -21.49 -6.62
CA LEU B 401 28.56 -22.19 -7.84
C LEU B 401 29.64 -23.25 -7.58
N HIS B 402 30.60 -22.94 -6.72
CA HIS B 402 31.75 -23.81 -6.52
C HIS B 402 31.69 -24.48 -5.16
N LYS B 403 30.47 -24.78 -4.69
CA LYS B 403 30.24 -25.37 -3.38
C LYS B 403 31.11 -26.60 -3.10
N LYS B 404 31.21 -27.50 -4.08
CA LYS B 404 31.96 -28.72 -3.86
C LYS B 404 33.47 -28.51 -3.72
N LYS B 405 34.09 -27.75 -4.63
CA LYS B 405 35.54 -27.53 -4.58
C LYS B 405 35.91 -26.91 -3.25
N LEU B 406 35.11 -25.92 -2.85
CA LEU B 406 35.36 -25.20 -1.61
C LEU B 406 35.27 -26.16 -0.42
N ALA B 407 34.23 -26.97 -0.38
CA ALA B 407 34.08 -27.96 0.69
C ALA B 407 35.18 -29.02 0.65
N ALA B 408 35.56 -29.45 -0.56
CA ALA B 408 36.59 -30.48 -0.71
C ALA B 408 37.99 -29.95 -0.37
N ALA B 409 38.13 -28.62 -0.40
CA ALA B 409 39.41 -27.98 -0.10
C ALA B 409 39.77 -28.11 1.38
N PRO B 410 41.07 -28.34 1.67
CA PRO B 410 41.52 -28.28 3.07
C PRO B 410 41.24 -26.89 3.66
N GLU B 411 40.92 -26.83 4.96
CA GLU B 411 40.49 -25.58 5.58
C GLU B 411 41.54 -24.46 5.48
N HIS B 412 42.80 -24.82 5.55
CA HIS B 412 43.89 -23.84 5.48
C HIS B 412 43.94 -23.17 4.10
N GLU B 413 43.41 -23.86 3.09
CA GLU B 413 43.51 -23.40 1.70
C GLU B 413 42.18 -22.89 1.11
N ARG B 414 41.08 -23.12 1.84
CA ARG B 414 39.73 -22.78 1.38
C ARG B 414 39.50 -21.31 1.02
N GLU B 415 39.99 -20.39 1.85
CA GLU B 415 39.73 -18.97 1.62
C GLU B 415 40.43 -18.49 0.35
N ALA B 416 41.72 -18.79 0.22
CA ALA B 416 42.49 -18.43 -0.96
C ALA B 416 41.84 -18.95 -2.24
N LEU B 417 41.37 -20.20 -2.20
CA LEU B 417 40.64 -20.78 -3.33
C LEU B 417 39.38 -19.96 -3.62
N HIS B 418 38.65 -19.60 -2.57
CA HIS B 418 37.43 -18.82 -2.71
C HIS B 418 37.68 -17.45 -3.38
N ASP B 419 38.72 -16.76 -2.94
CA ASP B 419 39.04 -15.44 -3.49
C ASP B 419 39.56 -15.54 -4.93
N GLN B 420 40.28 -16.63 -5.22
CA GLN B 420 40.78 -16.83 -6.57
C GLN B 420 39.59 -17.02 -7.52
N LEU B 421 38.71 -17.95 -7.17
CA LEU B 421 37.50 -18.18 -7.96
C LEU B 421 36.67 -16.90 -8.09
N ALA B 422 36.58 -16.13 -7.00
CA ALA B 422 35.78 -14.88 -7.01
C ALA B 422 36.35 -13.86 -7.99
N ALA B 423 37.68 -13.75 -8.02
CA ALA B 423 38.35 -12.79 -8.89
C ALA B 423 38.10 -13.15 -10.35
N GLU B 424 38.23 -14.43 -10.65
CA GLU B 424 37.98 -14.94 -12.00
C GLU B 424 36.50 -14.73 -12.38
N HIS B 425 35.61 -15.12 -11.50
CA HIS B 425 34.17 -14.98 -11.74
C HIS B 425 33.77 -13.52 -12.02
N GLU B 426 34.34 -12.58 -11.26
CA GLU B 426 34.10 -11.14 -11.46
C GLU B 426 34.39 -10.67 -12.89
N ARG B 427 35.37 -11.31 -13.53
CA ARG B 427 35.76 -10.96 -14.89
C ARG B 427 34.67 -11.17 -15.93
N ILE B 428 33.78 -12.11 -15.66
CA ILE B 428 32.74 -12.48 -16.62
C ILE B 428 31.32 -12.24 -16.09
N ALA B 429 31.22 -11.67 -14.89
CA ALA B 429 29.92 -11.43 -14.27
C ALA B 429 29.94 -10.20 -13.37
N GLY B 430 29.00 -9.29 -13.59
CA GLY B 430 28.88 -8.09 -12.76
C GLY B 430 29.14 -6.77 -13.47
N GLY B 431 30.23 -6.69 -14.21
CA GLY B 431 30.62 -5.43 -14.84
C GLY B 431 29.62 -4.87 -15.82
N VAL B 432 29.74 -3.57 -16.09
CA VAL B 432 28.85 -2.89 -17.01
C VAL B 432 28.88 -3.46 -18.44
N ASP B 433 30.07 -3.79 -18.93
CA ASP B 433 30.22 -4.31 -20.31
C ASP B 433 29.32 -5.50 -20.56
N SER B 434 29.30 -6.43 -19.61
CA SER B 434 28.40 -7.58 -19.66
C SER B 434 26.94 -7.13 -19.68
N ALA B 435 26.62 -6.17 -18.80
CA ALA B 435 25.26 -5.60 -18.70
C ALA B 435 24.83 -4.91 -20.01
N LEU B 436 25.77 -4.18 -20.62
CA LEU B 436 25.51 -3.49 -21.87
C LEU B 436 25.15 -4.50 -22.96
N ASP B 437 25.92 -5.58 -23.03
CA ASP B 437 25.72 -6.62 -24.06
C ASP B 437 24.33 -7.23 -23.93
N ILE B 438 23.97 -7.55 -22.69
CA ILE B 438 22.69 -8.19 -22.41
C ILE B 438 21.58 -7.19 -22.71
N GLY B 439 21.80 -5.93 -22.37
CA GLY B 439 20.83 -4.87 -22.64
C GLY B 439 20.18 -4.29 -21.39
N VAL B 440 20.62 -4.73 -20.20
CA VAL B 440 20.00 -4.22 -18.97
C VAL B 440 20.49 -2.81 -18.63
N VAL B 441 21.70 -2.50 -19.12
CA VAL B 441 22.21 -1.13 -19.05
C VAL B 441 22.32 -0.61 -20.47
N ASP B 442 21.82 0.61 -20.70
CA ASP B 442 21.78 1.15 -22.06
C ASP B 442 23.11 1.78 -22.47
N GLU B 443 23.78 2.41 -21.50
CA GLU B 443 25.00 3.15 -21.82
C GLU B 443 25.88 3.38 -20.59
N LYS B 444 27.18 3.13 -20.75
CA LYS B 444 28.14 3.51 -19.73
C LYS B 444 28.49 4.99 -19.93
N ILE B 445 28.50 5.78 -18.87
CA ILE B 445 28.77 7.21 -19.01
C ILE B 445 29.91 7.76 -18.15
N ASP B 446 30.48 8.86 -18.63
CA ASP B 446 31.46 9.66 -17.90
C ASP B 446 30.72 10.37 -16.76
N PRO B 447 31.12 10.09 -15.49
CA PRO B 447 30.43 10.68 -14.32
C PRO B 447 30.47 12.22 -14.34
N ALA B 448 31.43 12.78 -15.05
CA ALA B 448 31.54 14.23 -15.18
C ALA B 448 30.41 14.81 -16.04
N HIS B 449 29.69 13.93 -16.73
CA HIS B 449 28.53 14.36 -17.55
C HIS B 449 27.22 13.76 -17.06
N THR B 450 27.25 13.18 -15.87
CA THR B 450 26.04 12.57 -15.28
C THR B 450 24.80 13.47 -15.37
N ARG B 451 24.91 14.68 -14.81
CA ARG B 451 23.80 15.64 -14.82
C ARG B 451 23.22 15.86 -16.23
N SER B 452 24.06 16.19 -17.20
CA SER B 452 23.57 16.48 -18.55
C SER B 452 23.02 15.25 -19.28
N LYS B 453 23.68 14.12 -19.08
CA LYS B 453 23.24 12.85 -19.67
C LYS B 453 21.83 12.45 -19.16
N LEU B 454 21.59 12.64 -17.86
CA LEU B 454 20.28 12.33 -17.29
C LEU B 454 19.23 13.24 -17.92
N THR B 455 19.57 14.52 -18.01
CA THR B 455 18.65 15.53 -18.54
C THR B 455 18.21 15.17 -19.96
N GLU B 456 19.20 14.87 -20.80
CA GLU B 456 19.00 14.42 -22.18
C GLU B 456 18.05 13.20 -22.26
N ALA B 457 18.32 12.16 -21.47
CA ALA B 457 17.47 10.96 -21.47
C ALA B 457 16.02 11.27 -21.06
N LEU B 458 15.84 12.13 -20.05
CA LEU B 458 14.49 12.46 -19.61
C LEU B 458 13.81 13.40 -20.60
N ALA B 459 14.61 14.29 -21.21
CA ALA B 459 14.08 15.24 -22.17
C ALA B 459 13.53 14.56 -23.42
N GLN B 460 14.25 13.55 -23.92
CA GLN B 460 13.84 12.94 -25.19
C GLN B 460 12.87 11.76 -25.01
N ALA B 461 12.60 11.39 -23.75
CA ALA B 461 11.58 10.40 -23.46
C ALA B 461 10.18 10.96 -23.69
N PRO B 462 9.22 10.10 -24.13
CA PRO B 462 7.84 10.57 -24.25
C PRO B 462 7.29 10.98 -22.88
N ALA B 463 6.39 11.95 -22.85
CA ALA B 463 5.80 12.39 -21.59
C ALA B 463 5.02 11.25 -20.95
N ARG B 464 4.56 10.31 -21.77
CA ARG B 464 3.77 9.16 -21.30
C ARG B 464 3.96 7.88 -22.13
N ARG B 465 4.62 6.88 -21.52
CA ARG B 465 4.59 5.43 -21.87
C ARG B 465 5.85 4.69 -21.36
N GLY B 466 5.66 3.43 -20.96
CA GLY B 466 6.73 2.65 -20.36
C GLY B 466 6.24 1.92 -19.11
O1A H1L C . 15.93 -15.64 -7.87
C1 H1L C . 16.84 -14.79 -7.65
O1B H1L C . 17.94 -15.16 -7.13
C2 H1L C . 16.67 -13.34 -8.00
C2A H1L C . 17.14 -13.17 -9.41
O2 H1L C . 15.36 -12.93 -7.94
C3 H1L C . 14.73 -12.46 -6.81
C4 H1L C . 13.55 -11.74 -6.96
C5 H1L C . 12.89 -11.26 -5.85
C6 H1L C . 15.27 -12.69 -5.55
C7 H1L C . 14.60 -12.19 -4.43
C8 H1L C . 13.44 -11.47 -4.58
O8 H1L C . 12.78 -11.01 -3.45
C9 H1L C . 12.73 -9.64 -3.24
N9 H1L C . 13.06 -8.74 -4.18
C10 H1L C . 13.01 -7.44 -3.93
C11 H1L C . 12.58 -6.96 -2.70
C12 H1L C . 12.55 -5.49 -2.46
F1 H1L C . 11.91 -5.28 -1.30
F2 H1L C . 11.93 -4.90 -3.47
F3 H1L C . 13.80 -5.03 -2.34
C13 H1L C . 12.22 -7.88 -1.70
C14 H1L C . 12.31 -9.25 -1.98
CL1 H1L C . 11.90 -10.51 -0.84
O1A H1L D . 10.09 -14.14 9.53
C1 H1L D . 8.93 -13.89 9.10
O1B H1L D . 8.49 -12.71 9.03
C2 H1L D . 8.08 -15.02 8.63
C2A H1L D . 7.28 -15.54 9.77
O2 H1L D . 7.23 -14.52 7.69
C3 H1L D . 7.56 -14.52 6.36
C4 H1L D . 8.43 -15.47 5.84
C5 H1L D . 8.74 -15.43 4.49
C6 H1L D . 7.01 -13.55 5.54
C7 H1L D . 7.30 -13.52 4.19
C8 H1L D . 8.15 -14.46 3.68
O8 H1L D . 8.43 -14.43 2.34
C9 H1L D . 7.49 -15.12 1.62
N9 H1L D . 6.56 -15.90 2.25
C10 H1L D . 5.65 -16.58 1.55
C11 H1L D . 5.63 -16.53 0.15
C12 H1L D . 4.62 -17.28 -0.67
F1 H1L D . 5.18 -18.38 -1.15
F2 H1L D . 4.26 -16.47 -1.69
F3 H1L D . 3.56 -17.61 0.06
C13 H1L D . 6.57 -15.74 -0.50
C14 H1L D . 7.51 -15.03 0.24
CL1 H1L D . 8.70 -14.03 -0.54
O1A H1L E . -12.64 14.01 14.72
C1 H1L E . -13.26 12.95 15.07
O1B H1L E . -13.49 12.72 16.29
C2 H1L E . -13.75 11.97 14.03
C2A H1L E . -15.10 12.40 13.58
O2 H1L E . -12.92 11.93 12.92
C3 H1L E . -11.79 11.14 12.86
C4 H1L E . -11.29 10.76 11.62
C5 H1L E . -10.14 9.98 11.55
C6 H1L E . -11.17 10.76 14.04
C7 H1L E . -10.03 9.98 13.97
C8 H1L E . -9.52 9.57 12.74
O8 H1L E . -8.37 8.81 12.75
C9 H1L E . -8.38 7.51 12.25
N9 H1L E . -9.45 6.97 11.64
C10 H1L E . -9.41 5.72 11.16
C11 H1L E . -8.27 4.94 11.26
C12 H1L E . -8.24 3.54 10.73
F1 H1L E . -6.97 3.15 10.64
F2 H1L E . -8.83 3.46 9.54
F3 H1L E . -8.86 2.73 11.58
C13 H1L E . -7.13 5.48 11.89
C14 H1L E . -7.19 6.78 12.38
CL1 H1L E . -5.83 7.53 13.18
O1A H1L F . 3.91 7.48 18.66
C1 H1L F . 4.21 7.63 17.44
O1B H1L F . 4.10 6.67 16.61
C2 H1L F . 4.69 8.95 16.97
C2A H1L F . 6.14 9.09 17.29
O2 H1L F . 4.53 9.01 15.61
C3 H1L F . 3.31 9.35 15.07
C4 H1L F . 2.40 10.12 15.78
C5 H1L F . 1.18 10.44 15.19
C6 H1L F . 3.01 8.90 13.79
C7 H1L F . 1.81 9.22 13.20
C8 H1L F . 0.90 10.00 13.90
O8 H1L F . -0.29 10.30 13.30
C9 H1L F . -0.22 11.45 12.54
N9 H1L F . 0.94 12.10 12.35
C10 H1L F . 1.00 13.22 11.63
C11 H1L F . -0.15 13.77 11.05
C12 H1L F . -0.12 15.01 10.23
F1 H1L F . -0.71 16.00 10.91
F2 H1L F . -0.81 14.80 9.10
F3 H1L F . 1.13 15.38 9.97
C13 H1L F . -1.36 13.11 11.23
C14 H1L F . -1.41 11.94 11.99
CL1 H1L F . -2.92 11.11 12.25
#